data_4MI2
#
_entry.id   4MI2
#
_cell.length_a   94.920
_cell.length_b   94.920
_cell.length_c   195.370
_cell.angle_alpha   90.00
_cell.angle_beta   90.00
_cell.angle_gamma   90.00
#
_symmetry.space_group_name_H-M   'P 41 21 2'
#
loop_
_entity.id
_entity.type
_entity.pdbx_description
1 polymer 'Putative enoyl-CoA hydratase/isomerase'
2 water water
#
_entity_poly.entity_id   1
_entity_poly.type   'polypeptide(L)'
_entity_poly.pdbx_seq_one_letter_code
;MTQTAPAAVAYSVNHAGVAAIVLDRPEASNALDRTMKTELLQALLAAGGDPAVRAVVMSAAGKNFCVGQDLAEHVEALRD
DPAHAMDTVREHYNPVLEALDAIKVPVVVAINGACVGAGLGLALGADIRIAGQRAKFGTAFTGIGLAADSALSASLPRLI
GASRATAMFLLGDTIDAPTAHTWGLVHEVVDEGSPADVANSVAGRLAGGPTAAFSEVKELLRRNAVAPLGDVLEREASAQ
QRLGASRDHSAAVEAFLAKDKPVFVGR
;
_entity_poly.pdbx_strand_id   A,B,C
#
# COMPACT_ATOMS: atom_id res chain seq x y z
N ALA A 8 -16.33 29.07 -17.71
CA ALA A 8 -15.95 27.66 -18.08
C ALA A 8 -15.51 26.85 -16.85
N VAL A 9 -14.80 27.49 -15.92
CA VAL A 9 -14.63 26.93 -14.58
C VAL A 9 -15.11 27.96 -13.56
N ALA A 10 -16.19 27.63 -12.84
CA ALA A 10 -16.75 28.54 -11.84
C ALA A 10 -16.06 28.41 -10.50
N TYR A 11 -15.83 29.57 -9.87
CA TYR A 11 -15.18 29.67 -8.58
C TYR A 11 -15.95 30.61 -7.67
N SER A 12 -16.23 30.16 -6.45
CA SER A 12 -16.79 31.01 -5.41
C SER A 12 -16.42 30.47 -4.02
N VAL A 13 -16.39 31.37 -3.04
CA VAL A 13 -16.14 31.03 -1.64
C VAL A 13 -17.35 31.48 -0.84
N ASN A 14 -18.02 30.56 -0.13
CA ASN A 14 -19.23 30.92 0.60
C ASN A 14 -18.93 31.44 2.01
N HIS A 15 -19.99 31.85 2.72
CA HIS A 15 -19.90 32.42 4.07
C HIS A 15 -19.15 31.53 5.04
N ALA A 16 -19.27 30.21 4.87
CA ALA A 16 -18.65 29.26 5.79
C ALA A 16 -17.19 28.94 5.44
N GLY A 17 -16.66 29.57 4.38
CA GLY A 17 -15.27 29.33 3.96
C GLY A 17 -15.03 28.12 3.07
N VAL A 18 -16.09 27.61 2.44
CA VAL A 18 -16.00 26.52 1.47
C VAL A 18 -15.74 27.10 0.09
N ALA A 19 -14.58 26.82 -0.49
CA ALA A 19 -14.32 27.22 -1.88
C ALA A 19 -14.90 26.17 -2.82
N ALA A 20 -15.72 26.61 -3.77
CA ALA A 20 -16.35 25.73 -4.74
C ALA A 20 -15.71 25.89 -6.12
N ILE A 21 -15.19 24.80 -6.68
CA ILE A 21 -14.64 24.80 -8.04
C ILE A 21 -15.47 23.86 -8.90
N VAL A 22 -16.20 24.42 -9.86
CA VAL A 22 -17.09 23.65 -10.72
C VAL A 22 -16.57 23.67 -12.16
N LEU A 23 -16.25 22.49 -12.71
CA LEU A 23 -15.99 22.34 -14.14
C LEU A 23 -17.31 22.55 -14.86
N ASP A 24 -17.33 23.50 -15.79
CA ASP A 24 -18.59 23.93 -16.43
C ASP A 24 -18.44 24.03 -17.96
N ARG A 25 -18.23 22.88 -18.58
CA ARG A 25 -18.22 22.70 -20.02
C ARG A 25 -18.93 21.37 -20.32
N PRO A 26 -20.19 21.23 -19.87
CA PRO A 26 -20.88 19.95 -19.91
C PRO A 26 -21.14 19.41 -21.34
N GLU A 27 -21.26 20.29 -22.31
CA GLU A 27 -21.49 19.86 -23.69
C GLU A 27 -20.29 19.08 -24.25
N ALA A 28 -19.10 19.29 -23.67
CA ALA A 28 -17.91 18.53 -24.07
C ALA A 28 -17.44 17.53 -23.00
N SER A 29 -18.36 17.13 -22.10
CA SER A 29 -18.04 16.26 -20.95
C SER A 29 -16.85 16.79 -20.14
N ASN A 30 -16.81 18.12 -20.02
CA ASN A 30 -15.75 18.84 -19.32
C ASN A 30 -14.33 18.51 -19.81
N ALA A 31 -14.22 18.24 -21.11
CA ALA A 31 -12.94 18.02 -21.73
C ALA A 31 -12.08 19.26 -21.53
N LEU A 32 -10.79 19.04 -21.29
CA LEU A 32 -9.91 20.11 -20.88
C LEU A 32 -9.21 20.73 -22.07
N ASP A 33 -9.75 21.86 -22.54
CA ASP A 33 -9.06 22.70 -23.52
C ASP A 33 -8.27 23.79 -22.80
N ARG A 34 -7.55 24.63 -23.53
CA ARG A 34 -6.71 25.66 -22.90
C ARG A 34 -7.49 26.59 -21.96
N THR A 35 -8.67 27.04 -22.40
CA THR A 35 -9.53 27.86 -21.55
C THR A 35 -9.81 27.16 -20.21
N MET A 36 -10.21 25.89 -20.25
CA MET A 36 -10.51 25.13 -19.03
C MET A 36 -9.27 24.99 -18.14
N LYS A 37 -8.13 24.67 -18.76
CA LYS A 37 -6.90 24.44 -18.02
C LYS A 37 -6.40 25.70 -17.34
N THR A 38 -6.50 26.83 -18.05
CA THR A 38 -6.12 28.13 -17.54
C THR A 38 -7.01 28.53 -16.36
N GLU A 39 -8.33 28.41 -16.51
CA GLU A 39 -9.26 28.84 -15.46
C GLU A 39 -9.24 27.89 -14.26
N LEU A 40 -8.93 26.62 -14.50
CA LEU A 40 -8.82 25.66 -13.41
C LEU A 40 -7.61 26.00 -12.54
N LEU A 41 -6.49 26.29 -13.19
CA LEU A 41 -5.28 26.69 -12.48
C LEU A 41 -5.57 27.90 -11.60
N GLN A 42 -6.22 28.92 -12.18
CA GLN A 42 -6.58 30.14 -11.45
C GLN A 42 -7.47 29.85 -10.25
N ALA A 43 -8.48 29.00 -10.43
CA ALA A 43 -9.39 28.64 -9.36
C ALA A 43 -8.67 27.94 -8.20
N LEU A 44 -7.81 26.97 -8.54
CA LEU A 44 -7.00 26.25 -7.56
C LEU A 44 -6.01 27.15 -6.81
N LEU A 45 -5.35 28.06 -7.52
CA LEU A 45 -4.39 28.99 -6.88
C LEU A 45 -5.08 29.94 -5.92
N ALA A 46 -6.28 30.38 -6.29
CA ALA A 46 -7.07 31.27 -5.44
C ALA A 46 -7.51 30.55 -4.18
N ALA A 47 -8.01 29.33 -4.33
CA ALA A 47 -8.40 28.52 -3.18
C ALA A 47 -7.21 28.34 -2.23
N GLY A 48 -6.04 28.07 -2.82
CA GLY A 48 -4.84 27.80 -2.04
C GLY A 48 -4.29 29.00 -1.32
N GLY A 49 -4.53 30.19 -1.87
CA GLY A 49 -3.94 31.43 -1.36
C GLY A 49 -4.85 32.26 -0.47
N ASP A 50 -6.10 31.82 -0.30
CA ASP A 50 -7.09 32.55 0.48
C ASP A 50 -7.13 32.05 1.92
N PRO A 51 -6.78 32.92 2.90
CA PRO A 51 -6.79 32.49 4.31
C PRO A 51 -8.16 32.16 4.89
N ALA A 52 -9.22 32.61 4.24
CA ALA A 52 -10.60 32.34 4.68
C ALA A 52 -11.13 30.97 4.27
N VAL A 53 -10.50 30.35 3.28
CA VAL A 53 -10.91 29.05 2.78
C VAL A 53 -10.57 27.96 3.80
N ARG A 54 -11.59 27.25 4.30
CA ARG A 54 -11.36 26.16 5.27
C ARG A 54 -11.64 24.78 4.68
N ALA A 55 -12.17 24.73 3.47
CA ALA A 55 -12.35 23.49 2.72
C ALA A 55 -12.63 23.80 1.26
N VAL A 56 -12.38 22.83 0.39
CA VAL A 56 -12.58 23.00 -1.04
C VAL A 56 -13.44 21.84 -1.55
N VAL A 57 -14.44 22.16 -2.37
CA VAL A 57 -15.23 21.15 -3.05
C VAL A 57 -15.13 21.30 -4.58
N MET A 58 -14.76 20.20 -5.22
CA MET A 58 -14.53 20.17 -6.64
C MET A 58 -15.68 19.37 -7.23
N SER A 59 -16.38 19.96 -8.21
CA SER A 59 -17.52 19.30 -8.84
C SER A 59 -17.57 19.62 -10.32
N ALA A 60 -18.55 19.04 -11.03
CA ALA A 60 -18.62 19.20 -12.47
C ALA A 60 -20.07 19.17 -12.93
N ALA A 61 -20.38 19.95 -13.96
CA ALA A 61 -21.73 20.00 -14.53
C ALA A 61 -21.93 18.92 -15.59
N GLY A 62 -23.19 18.50 -15.77
CA GLY A 62 -23.55 17.50 -16.77
C GLY A 62 -23.41 16.09 -16.25
N LYS A 63 -23.40 15.12 -17.18
CA LYS A 63 -23.37 13.69 -16.84
C LYS A 63 -21.98 13.19 -16.47
N ASN A 64 -20.93 13.82 -16.99
CA ASN A 64 -19.57 13.32 -16.84
C ASN A 64 -18.63 14.28 -16.12
N PHE A 65 -17.84 13.76 -15.19
CA PHE A 65 -16.96 14.58 -14.39
C PHE A 65 -15.91 15.26 -15.27
N CYS A 66 -15.10 14.45 -15.95
CA CYS A 66 -14.04 14.98 -16.83
C CYS A 66 -13.42 13.88 -17.68
N VAL A 67 -13.47 14.04 -19.00
CA VAL A 67 -12.91 13.03 -19.90
C VAL A 67 -11.44 13.31 -20.22
N GLY A 68 -10.84 14.30 -19.56
CA GLY A 68 -9.43 14.61 -19.79
C GLY A 68 -9.22 15.52 -20.99
N GLN A 69 -8.03 15.44 -21.58
CA GLN A 69 -7.61 16.35 -22.64
C GLN A 69 -8.65 16.48 -23.76
N ASP A 70 -8.92 17.71 -24.16
CA ASP A 70 -9.79 17.99 -25.32
C ASP A 70 -9.15 17.39 -26.56
N LEU A 71 -9.89 16.52 -27.23
CA LEU A 71 -9.35 15.80 -28.39
C LEU A 71 -9.02 16.74 -29.56
N ALA A 72 -9.95 17.62 -29.92
CA ALA A 72 -9.78 18.48 -31.09
C ALA A 72 -8.56 19.37 -30.94
N GLU A 73 -8.42 19.96 -29.76
CA GLU A 73 -7.26 20.80 -29.48
C GLU A 73 -5.96 20.00 -29.56
N HIS A 74 -6.01 18.76 -29.09
CA HIS A 74 -4.86 17.88 -29.23
C HIS A 74 -4.54 17.54 -30.67
N VAL A 75 -5.56 17.29 -31.48
CA VAL A 75 -5.39 17.02 -32.92
C VAL A 75 -4.67 18.18 -33.60
N GLU A 76 -5.07 19.42 -33.27
CA GLU A 76 -4.46 20.60 -33.87
C GLU A 76 -2.96 20.67 -33.56
N ALA A 77 -2.61 20.47 -32.29
CA ALA A 77 -1.20 20.48 -31.84
C ALA A 77 -0.38 19.38 -32.51
N LEU A 78 -1.00 18.22 -32.68
CA LEU A 78 -0.31 17.05 -33.21
C LEU A 78 -0.04 17.23 -34.70
N ARG A 79 -1.02 17.76 -35.42
CA ARG A 79 -0.85 18.05 -36.84
C ARG A 79 0.11 19.22 -37.07
N ASP A 80 0.15 20.15 -36.11
CA ASP A 80 0.99 21.33 -36.21
C ASP A 80 2.46 21.03 -35.92
N ASP A 81 2.72 20.20 -34.90
CA ASP A 81 4.10 19.90 -34.48
C ASP A 81 4.17 18.66 -33.58
N PRO A 82 4.21 17.46 -34.18
CA PRO A 82 4.11 16.22 -33.38
C PRO A 82 5.20 16.04 -32.31
N ALA A 83 6.41 16.51 -32.59
CA ALA A 83 7.49 16.43 -31.62
C ALA A 83 7.24 17.32 -30.39
N HIS A 84 6.26 18.22 -30.47
CA HIS A 84 5.97 19.14 -29.36
C HIS A 84 4.50 19.18 -28.94
N ALA A 85 3.74 18.16 -29.32
CA ALA A 85 2.29 18.17 -29.10
C ALA A 85 1.90 18.00 -27.64
N MET A 86 2.84 17.54 -26.81
CA MET A 86 2.62 17.37 -25.38
C MET A 86 3.20 18.50 -24.54
N ASP A 87 3.49 19.64 -25.15
CA ASP A 87 3.88 20.86 -24.41
C ASP A 87 2.89 21.17 -23.29
N THR A 88 1.60 20.91 -23.53
CA THR A 88 0.57 21.21 -22.55
C THR A 88 0.82 20.52 -21.19
N VAL A 89 1.50 19.37 -21.18
CA VAL A 89 1.75 18.71 -19.88
C VAL A 89 2.53 19.64 -18.96
N ARG A 90 3.62 20.21 -19.46
CA ARG A 90 4.44 21.15 -18.68
C ARG A 90 3.77 22.52 -18.50
N GLU A 91 3.12 22.99 -19.55
CA GLU A 91 2.53 24.32 -19.54
C GLU A 91 1.28 24.42 -18.68
N HIS A 92 0.46 23.36 -18.67
CA HIS A 92 -0.88 23.41 -18.09
C HIS A 92 -1.11 22.39 -17.00
N TYR A 93 -0.89 21.12 -17.30
CA TYR A 93 -1.26 20.05 -16.39
C TYR A 93 -0.43 20.05 -15.12
N ASN A 94 0.89 20.15 -15.29
CA ASN A 94 1.76 20.13 -14.14
C ASN A 94 1.46 21.25 -13.13
N PRO A 95 1.32 22.50 -13.58
CA PRO A 95 0.98 23.53 -12.59
C PRO A 95 -0.40 23.34 -11.94
N VAL A 96 -1.36 22.79 -12.67
CA VAL A 96 -2.66 22.48 -12.08
C VAL A 96 -2.49 21.46 -10.94
N LEU A 97 -1.78 20.38 -11.20
CA LEU A 97 -1.56 19.33 -10.17
C LEU A 97 -0.77 19.86 -8.98
N GLU A 98 0.23 20.71 -9.25
CA GLU A 98 0.97 21.34 -8.16
C GLU A 98 0.10 22.31 -7.35
N ALA A 99 -0.78 23.05 -8.04
CA ALA A 99 -1.70 23.97 -7.38
C ALA A 99 -2.69 23.23 -6.50
N LEU A 100 -3.17 22.10 -6.98
CA LEU A 100 -4.07 21.27 -6.20
C LEU A 100 -3.34 20.75 -4.98
N ASP A 101 -2.12 20.25 -5.18
CA ASP A 101 -1.29 19.73 -4.09
C ASP A 101 -0.95 20.79 -3.03
N ALA A 102 -0.80 22.04 -3.46
CA ALA A 102 -0.43 23.13 -2.55
C ALA A 102 -1.56 23.51 -1.59
N ILE A 103 -2.80 23.11 -1.88
CA ILE A 103 -3.92 23.44 -0.99
C ILE A 103 -3.78 22.68 0.34
N LYS A 104 -3.73 23.43 1.44
CA LYS A 104 -3.44 22.86 2.77
C LYS A 104 -4.69 22.31 3.49
N VAL A 105 -5.85 22.85 3.14
CA VAL A 105 -7.11 22.45 3.76
C VAL A 105 -7.69 21.23 3.04
N PRO A 106 -8.71 20.60 3.63
CA PRO A 106 -9.28 19.42 2.98
C PRO A 106 -9.95 19.70 1.63
N VAL A 107 -9.75 18.80 0.67
CA VAL A 107 -10.33 18.92 -0.66
C VAL A 107 -11.27 17.74 -0.90
N VAL A 108 -12.53 18.05 -1.18
CA VAL A 108 -13.55 17.04 -1.50
C VAL A 108 -13.89 17.12 -3.00
N VAL A 109 -14.15 15.97 -3.62
CA VAL A 109 -14.53 15.93 -5.01
C VAL A 109 -15.76 15.06 -5.20
N ALA A 110 -16.68 15.54 -6.05
CA ALA A 110 -17.92 14.87 -6.40
C ALA A 110 -17.80 14.37 -7.81
N ILE A 111 -17.81 13.04 -7.98
CA ILE A 111 -17.53 12.41 -9.26
C ILE A 111 -18.77 11.74 -9.82
N ASN A 112 -19.27 12.34 -10.88
CA ASN A 112 -20.33 11.82 -11.71
C ASN A 112 -19.77 11.22 -13.01
N GLY A 113 -20.40 10.15 -13.49
CA GLY A 113 -20.09 9.56 -14.78
C GLY A 113 -18.60 9.38 -15.06
N ALA A 114 -18.17 9.70 -16.28
CA ALA A 114 -16.81 9.40 -16.73
C ALA A 114 -15.77 10.26 -16.03
N CYS A 115 -14.74 9.58 -15.55
CA CYS A 115 -13.63 10.20 -14.85
C CYS A 115 -12.38 9.50 -15.37
N VAL A 116 -11.80 10.03 -16.45
CA VAL A 116 -10.70 9.36 -17.14
C VAL A 116 -9.55 10.29 -17.50
N GLY A 117 -8.36 9.70 -17.67
CA GLY A 117 -7.17 10.46 -18.07
C GLY A 117 -6.83 11.51 -17.04
N ALA A 118 -6.57 12.73 -17.50
CA ALA A 118 -6.35 13.85 -16.59
C ALA A 118 -7.54 14.11 -15.67
N GLY A 119 -8.73 13.71 -16.08
CA GLY A 119 -9.91 13.81 -15.22
C GLY A 119 -9.77 12.94 -13.98
N LEU A 120 -9.24 11.74 -14.17
CA LEU A 120 -8.92 10.87 -13.04
C LEU A 120 -7.77 11.46 -12.23
N GLY A 121 -6.73 11.93 -12.91
CA GLY A 121 -5.61 12.57 -12.24
C GLY A 121 -6.04 13.68 -11.31
N LEU A 122 -6.92 14.54 -11.81
CA LEU A 122 -7.45 15.66 -11.02
C LEU A 122 -8.22 15.16 -9.79
N ALA A 123 -9.09 14.17 -10.00
CA ALA A 123 -9.92 13.63 -8.94
C ALA A 123 -9.13 12.97 -7.83
N LEU A 124 -8.08 12.23 -8.20
CA LEU A 124 -7.23 11.55 -7.22
C LEU A 124 -6.34 12.48 -6.43
N GLY A 125 -6.23 13.75 -6.85
CA GLY A 125 -5.53 14.76 -6.07
C GLY A 125 -6.32 15.28 -4.87
N ALA A 126 -7.62 15.04 -4.84
CA ALA A 126 -8.44 15.43 -3.70
C ALA A 126 -8.18 14.50 -2.53
N ASP A 127 -8.57 14.92 -1.33
CA ASP A 127 -8.46 14.09 -0.12
C ASP A 127 -9.65 13.14 0.06
N ILE A 128 -10.85 13.63 -0.24
CA ILE A 128 -12.07 12.83 -0.07
C ILE A 128 -12.81 12.80 -1.40
N ARG A 129 -13.25 11.61 -1.80
CA ARG A 129 -13.84 11.39 -3.12
C ARG A 129 -15.20 10.72 -2.98
N ILE A 130 -16.21 11.39 -3.52
CA ILE A 130 -17.58 10.88 -3.50
C ILE A 130 -18.03 10.56 -4.92
N ALA A 131 -18.37 9.31 -5.18
CA ALA A 131 -18.78 8.87 -6.51
C ALA A 131 -20.29 8.62 -6.61
N GLY A 132 -20.88 9.05 -7.73
CA GLY A 132 -22.22 8.63 -8.10
C GLY A 132 -22.18 7.18 -8.54
N GLN A 133 -23.35 6.52 -8.51
CA GLN A 133 -23.44 5.07 -8.82
C GLN A 133 -22.98 4.70 -10.24
N ARG A 134 -23.17 5.60 -11.21
CA ARG A 134 -22.84 5.33 -12.61
CA ARG A 134 -22.83 5.32 -12.61
C ARG A 134 -21.46 5.88 -13.01
N ALA A 135 -20.64 6.27 -12.03
CA ALA A 135 -19.28 6.75 -12.31
C ALA A 135 -18.35 5.64 -12.83
N LYS A 136 -17.50 6.00 -13.79
CA LYS A 136 -16.58 5.08 -14.43
C LYS A 136 -15.16 5.67 -14.37
N PHE A 137 -14.19 4.86 -13.97
CA PHE A 137 -12.84 5.34 -13.71
C PHE A 137 -11.87 4.63 -14.63
N GLY A 138 -11.03 5.40 -15.33
CA GLY A 138 -10.10 4.83 -16.30
C GLY A 138 -8.85 5.66 -16.53
N THR A 139 -7.73 4.99 -16.74
CA THR A 139 -6.48 5.67 -17.03
C THR A 139 -6.51 6.35 -18.39
N ALA A 140 -7.06 5.64 -19.39
CA ALA A 140 -7.25 6.19 -20.76
C ALA A 140 -5.97 6.35 -21.59
N PHE A 141 -4.90 6.82 -20.98
CA PHE A 141 -3.67 7.17 -21.73
C PHE A 141 -3.13 6.09 -22.68
N THR A 142 -3.09 4.83 -22.24
CA THR A 142 -2.54 3.77 -23.10
C THR A 142 -3.45 3.39 -24.26
N GLY A 143 -4.76 3.62 -24.07
CA GLY A 143 -5.73 3.50 -25.14
C GLY A 143 -5.38 4.31 -26.38
N ILE A 144 -4.75 5.47 -26.18
CA ILE A 144 -4.34 6.33 -27.27
C ILE A 144 -2.80 6.34 -27.45
N GLY A 145 -2.14 5.29 -26.97
CA GLY A 145 -0.70 5.11 -27.19
C GLY A 145 0.20 6.03 -26.39
N LEU A 146 -0.32 6.57 -25.28
CA LEU A 146 0.47 7.37 -24.34
C LEU A 146 0.58 6.58 -23.03
N ALA A 147 1.27 7.14 -22.04
CA ALA A 147 1.55 6.44 -20.79
C ALA A 147 0.77 7.02 -19.62
N ALA A 148 1.16 8.22 -19.19
CA ALA A 148 0.56 8.86 -18.01
C ALA A 148 0.98 10.31 -17.87
N ASP A 149 0.07 11.13 -17.37
CA ASP A 149 0.39 12.46 -16.89
C ASP A 149 -0.64 12.85 -15.81
N SER A 150 -0.59 14.10 -15.34
CA SER A 150 -1.47 14.56 -14.26
C SER A 150 -1.27 13.77 -12.95
N ALA A 151 -0.02 13.32 -12.74
CA ALA A 151 0.42 12.62 -11.55
C ALA A 151 -0.18 11.21 -11.36
N LEU A 152 -0.86 10.73 -12.39
CA LEU A 152 -1.62 9.48 -12.29
C LEU A 152 -0.74 8.26 -12.07
N SER A 153 0.50 8.34 -12.57
CA SER A 153 1.46 7.26 -12.40
C SER A 153 1.93 7.11 -10.94
N ALA A 154 1.64 8.11 -10.10
CA ALA A 154 1.90 8.05 -8.65
C ALA A 154 0.61 7.90 -7.86
N SER A 155 -0.40 8.71 -8.18
CA SER A 155 -1.60 8.81 -7.38
C SER A 155 -2.47 7.55 -7.46
N LEU A 156 -2.54 6.93 -8.64
CA LEU A 156 -3.35 5.71 -8.79
C LEU A 156 -2.80 4.54 -7.94
N PRO A 157 -1.52 4.15 -8.13
CA PRO A 157 -1.01 3.05 -7.31
C PRO A 157 -0.98 3.33 -5.81
N ARG A 158 -0.86 4.60 -5.43
CA ARG A 158 -0.81 4.94 -4.01
C ARG A 158 -2.17 4.77 -3.38
N LEU A 159 -3.23 4.82 -4.19
CA LEU A 159 -4.59 4.66 -3.66
C LEU A 159 -5.12 3.23 -3.75
N ILE A 160 -4.79 2.51 -4.81
CA ILE A 160 -5.30 1.14 -5.00
C ILE A 160 -4.23 0.06 -5.05
N GLY A 161 -2.96 0.44 -4.89
CA GLY A 161 -1.85 -0.51 -4.98
C GLY A 161 -1.29 -0.61 -6.39
N ALA A 162 -0.02 -1.00 -6.47
CA ALA A 162 0.71 -1.16 -7.75
C ALA A 162 0.08 -2.21 -8.67
N SER A 163 -0.35 -3.33 -8.11
CA SER A 163 -0.90 -4.38 -8.95
C SER A 163 -2.17 -3.98 -9.71
N ARG A 164 -3.15 -3.40 -9.03
CA ARG A 164 -4.39 -3.00 -9.71
C ARG A 164 -4.22 -1.75 -10.58
N ALA A 165 -3.32 -0.86 -10.16
CA ALA A 165 -2.93 0.30 -10.98
C ALA A 165 -2.31 -0.15 -12.30
N THR A 166 -1.38 -1.11 -12.22
CA THR A 166 -0.72 -1.65 -13.39
C THR A 166 -1.76 -2.26 -14.34
N ALA A 167 -2.65 -3.09 -13.80
CA ALA A 167 -3.74 -3.68 -14.59
C ALA A 167 -4.58 -2.63 -15.32
N MET A 168 -4.99 -1.58 -14.62
CA MET A 168 -5.80 -0.54 -15.25
C MET A 168 -5.05 0.14 -16.39
N PHE A 169 -3.75 0.37 -16.21
CA PHE A 169 -2.91 1.00 -17.25
C PHE A 169 -2.66 0.08 -18.45
N LEU A 170 -2.33 -1.18 -18.19
CA LEU A 170 -2.03 -2.15 -19.26
C LEU A 170 -3.27 -2.69 -19.98
N LEU A 171 -4.29 -3.09 -19.22
CA LEU A 171 -5.52 -3.60 -19.83
C LEU A 171 -6.39 -2.47 -20.34
N GLY A 172 -6.35 -1.33 -19.66
CA GLY A 172 -7.03 -0.14 -20.13
C GLY A 172 -8.53 -0.13 -19.93
N ASP A 173 -9.05 -1.04 -19.13
CA ASP A 173 -10.49 -1.07 -18.91
C ASP A 173 -10.92 -0.18 -17.75
N THR A 174 -12.02 0.51 -17.99
CA THR A 174 -12.73 1.27 -16.98
C THR A 174 -13.19 0.34 -15.86
N ILE A 175 -13.20 0.85 -14.62
CA ILE A 175 -13.88 0.15 -13.52
C ILE A 175 -15.07 0.97 -13.03
N ASP A 176 -16.02 0.30 -12.37
CA ASP A 176 -17.24 0.96 -11.95
C ASP A 176 -17.13 1.46 -10.51
N ALA A 177 -18.15 2.18 -10.05
CA ALA A 177 -18.10 2.83 -8.73
C ALA A 177 -17.95 1.85 -7.55
N PRO A 178 -18.73 0.75 -7.50
CA PRO A 178 -18.54 -0.22 -6.40
C PRO A 178 -17.14 -0.86 -6.36
N THR A 179 -16.59 -1.20 -7.52
CA THR A 179 -15.21 -1.70 -7.57
C THR A 179 -14.25 -0.63 -7.06
N ALA A 180 -14.47 0.62 -7.45
CA ALA A 180 -13.62 1.73 -6.98
C ALA A 180 -13.69 1.87 -5.47
N HIS A 181 -14.89 1.79 -4.91
CA HIS A 181 -15.08 1.81 -3.46
C HIS A 181 -14.33 0.65 -2.78
N THR A 182 -14.51 -0.55 -3.28
CA THR A 182 -13.86 -1.74 -2.69
C THR A 182 -12.33 -1.65 -2.79
N TRP A 183 -11.84 -1.08 -3.89
CA TRP A 183 -10.40 -0.96 -4.12
C TRP A 183 -9.73 0.20 -3.36
N GLY A 184 -10.53 1.11 -2.81
CA GLY A 184 -10.00 2.27 -2.09
C GLY A 184 -9.80 3.52 -2.94
N LEU A 185 -10.34 3.52 -4.16
CA LEU A 185 -10.21 4.65 -5.07
C LEU A 185 -11.13 5.79 -4.66
N VAL A 186 -12.29 5.48 -4.10
CA VAL A 186 -13.21 6.50 -3.59
C VAL A 186 -13.77 6.13 -2.20
N HIS A 187 -14.26 7.12 -1.47
CA HIS A 187 -14.70 6.91 -0.08
C HIS A 187 -16.15 6.50 0.06
N GLU A 188 -16.98 6.91 -0.90
CA GLU A 188 -18.41 6.64 -0.82
C GLU A 188 -19.04 6.63 -2.22
N VAL A 189 -20.04 5.76 -2.38
CA VAL A 189 -20.86 5.73 -3.57
C VAL A 189 -22.28 6.11 -3.19
N VAL A 190 -22.86 7.06 -3.93
CA VAL A 190 -24.22 7.55 -3.71
C VAL A 190 -25.01 7.51 -5.01
N ASP A 191 -26.30 7.83 -4.93
CA ASP A 191 -27.19 7.90 -6.10
C ASP A 191 -26.61 8.84 -7.14
N GLU A 192 -26.69 8.48 -8.42
CA GLU A 192 -26.22 9.38 -9.46
C GLU A 192 -27.05 10.67 -9.35
N GLY A 193 -26.39 11.81 -9.54
CA GLY A 193 -27.03 13.11 -9.32
C GLY A 193 -26.92 13.65 -7.91
N SER A 194 -26.52 12.81 -6.95
CA SER A 194 -26.32 13.23 -5.56
C SER A 194 -24.89 13.51 -5.10
N PRO A 195 -23.86 13.15 -5.89
CA PRO A 195 -22.52 13.32 -5.29
C PRO A 195 -22.13 14.78 -4.96
N ALA A 196 -22.53 15.75 -5.78
CA ALA A 196 -22.28 17.16 -5.46
C ALA A 196 -22.95 17.59 -4.15
N ASP A 197 -24.19 17.12 -3.91
CA ASP A 197 -24.87 17.43 -2.64
C ASP A 197 -24.15 16.83 -1.44
N VAL A 198 -23.75 15.56 -1.56
CA VAL A 198 -23.05 14.90 -0.47
C VAL A 198 -21.67 15.54 -0.26
N ALA A 199 -20.97 15.83 -1.36
CA ALA A 199 -19.66 16.48 -1.26
C ALA A 199 -19.77 17.85 -0.60
N ASN A 200 -20.81 18.61 -0.96
CA ASN A 200 -21.05 19.92 -0.33
C ASN A 200 -21.31 19.80 1.18
N SER A 201 -22.03 18.77 1.61
CA SER A 201 -22.25 18.51 3.04
C SER A 201 -20.98 18.11 3.77
N VAL A 202 -20.19 17.24 3.16
CA VAL A 202 -18.92 16.82 3.73
C VAL A 202 -17.95 18.01 3.82
N ALA A 203 -17.88 18.81 2.75
CA ALA A 203 -17.04 20.01 2.74
C ALA A 203 -17.48 21.04 3.78
N GLY A 204 -18.80 21.22 3.91
CA GLY A 204 -19.38 22.11 4.92
C GLY A 204 -19.00 21.68 6.34
N ARG A 205 -19.08 20.38 6.58
CA ARG A 205 -18.71 19.78 7.86
C ARG A 205 -17.21 19.97 8.17
N LEU A 206 -16.38 19.75 7.16
CA LEU A 206 -14.94 19.99 7.30
C LEU A 206 -14.62 21.48 7.54
N ALA A 207 -15.29 22.37 6.80
CA ALA A 207 -15.07 23.80 6.96
C ALA A 207 -15.43 24.28 8.37
N GLY A 208 -16.33 23.59 9.05
CA GLY A 208 -16.69 23.94 10.43
C GLY A 208 -15.81 23.30 11.50
N GLY A 209 -14.89 22.42 11.08
CA GLY A 209 -14.00 21.74 12.00
C GLY A 209 -12.69 22.47 12.26
N PRO A 210 -11.77 21.81 12.97
CA PRO A 210 -10.51 22.43 13.35
C PRO A 210 -9.53 22.45 12.18
N THR A 211 -9.57 23.55 11.44
CA THR A 211 -8.88 23.66 10.15
C THR A 211 -7.37 23.51 10.24
N ALA A 212 -6.76 24.07 11.28
CA ALA A 212 -5.32 23.93 11.51
C ALA A 212 -4.98 22.47 11.81
N ALA A 213 -5.82 21.79 12.59
CA ALA A 213 -5.61 20.36 12.88
C ALA A 213 -5.68 19.54 11.59
N PHE A 214 -6.64 19.88 10.72
CA PHE A 214 -6.78 19.19 9.44
C PHE A 214 -5.58 19.42 8.51
N SER A 215 -5.10 20.66 8.45
CA SER A 215 -3.93 20.98 7.64
C SER A 215 -2.69 20.26 8.13
N GLU A 216 -2.51 20.23 9.45
CA GLU A 216 -1.37 19.55 10.05
C GLU A 216 -1.38 18.05 9.77
N VAL A 217 -2.52 17.40 10.01
CA VAL A 217 -2.59 15.94 9.84
C VAL A 217 -2.47 15.54 8.36
N LYS A 218 -3.09 16.32 7.47
CA LYS A 218 -2.90 16.14 6.01
C LYS A 218 -1.42 16.18 5.64
N GLU A 219 -0.71 17.17 6.15
CA GLU A 219 0.73 17.28 5.87
C GLU A 219 1.55 16.16 6.54
N LEU A 220 1.15 15.74 7.74
CA LEU A 220 1.84 14.62 8.40
C LEU A 220 1.68 13.38 7.56
N LEU A 221 0.46 13.10 7.13
CA LEU A 221 0.19 11.95 6.29
C LEU A 221 1.05 11.93 5.02
N ARG A 222 1.13 13.05 4.33
CA ARG A 222 1.95 13.10 3.10
C ARG A 222 3.43 12.90 3.37
N ARG A 223 3.96 13.57 4.39
CA ARG A 223 5.39 13.51 4.68
C ARG A 223 5.81 12.16 5.24
N ASN A 224 4.92 11.51 5.98
CA ASN A 224 5.32 10.31 6.74
C ASN A 224 5.03 8.99 6.06
N ALA A 225 4.48 9.03 4.84
CA ALA A 225 4.10 7.80 4.12
C ALA A 225 5.20 6.75 4.12
N VAL A 226 6.44 7.16 3.83
CA VAL A 226 7.56 6.21 3.81
C VAL A 226 8.78 6.65 4.64
N ALA A 227 8.60 7.58 5.56
CA ALA A 227 9.72 8.11 6.31
C ALA A 227 10.14 7.13 7.41
N PRO A 228 11.43 7.17 7.80
CA PRO A 228 11.92 6.47 9.00
C PRO A 228 11.13 6.87 10.23
N LEU A 229 10.99 5.93 11.16
CA LEU A 229 10.18 6.14 12.35
C LEU A 229 10.59 7.39 13.12
N GLY A 230 11.91 7.56 13.30
CA GLY A 230 12.47 8.74 14.00
C GLY A 230 11.91 10.03 13.46
N ASP A 231 11.84 10.14 12.13
CA ASP A 231 11.33 11.35 11.48
C ASP A 231 9.81 11.49 11.68
N VAL A 232 9.08 10.38 11.56
CA VAL A 232 7.64 10.38 11.78
C VAL A 232 7.30 10.97 13.15
N LEU A 233 7.97 10.44 14.17
CA LEU A 233 7.72 10.79 15.56
C LEU A 233 8.08 12.23 15.88
N GLU A 234 9.20 12.71 15.34
CA GLU A 234 9.64 14.11 15.51
C GLU A 234 8.62 15.08 14.90
N ARG A 235 8.20 14.82 13.66
CA ARG A 235 7.21 15.69 13.00
C ARG A 235 5.87 15.66 13.72
N GLU A 236 5.44 14.49 14.20
CA GLU A 236 4.21 14.37 14.98
C GLU A 236 4.28 15.23 16.23
N ALA A 237 5.35 15.09 16.99
CA ALA A 237 5.55 15.85 18.23
C ALA A 237 5.45 17.35 18.03
N SER A 238 6.09 17.86 16.98
CA SER A 238 6.07 19.27 16.64
C SER A 238 4.69 19.77 16.25
N ALA A 239 4.01 19.00 15.41
CA ALA A 239 2.64 19.34 14.99
C ALA A 239 1.71 19.36 16.21
N GLN A 240 1.83 18.34 17.06
CA GLN A 240 0.98 18.26 18.25
C GLN A 240 1.27 19.44 19.19
N GLN A 241 2.52 19.84 19.29
CA GLN A 241 2.88 20.98 20.15
C GLN A 241 2.24 22.27 19.63
N ARG A 242 2.29 22.49 18.33
CA ARG A 242 1.63 23.67 17.73
C ARG A 242 0.11 23.62 17.98
N LEU A 243 -0.51 22.46 17.80
CA LEU A 243 -1.97 22.36 17.96
C LEU A 243 -2.41 22.39 19.41
N GLY A 244 -1.60 21.84 20.30
CA GLY A 244 -1.87 21.91 21.73
C GLY A 244 -2.05 23.34 22.23
N ALA A 245 -1.35 24.28 21.58
CA ALA A 245 -1.43 25.71 21.91
C ALA A 245 -2.52 26.46 21.12
N SER A 246 -3.17 25.77 20.17
CA SER A 246 -4.19 26.40 19.34
C SER A 246 -5.44 26.70 20.15
N ARG A 247 -6.19 27.70 19.69
CA ARG A 247 -7.43 28.07 20.33
C ARG A 247 -8.47 26.94 20.16
N ASP A 248 -8.50 26.33 18.97
CA ASP A 248 -9.42 25.24 18.68
C ASP A 248 -9.24 24.04 19.61
N HIS A 249 -8.00 23.76 20.00
CA HIS A 249 -7.80 22.66 20.92
C HIS A 249 -8.33 22.96 22.33
N SER A 250 -8.05 24.14 22.85
CA SER A 250 -8.61 24.53 24.16
C SER A 250 -10.14 24.59 24.12
N ALA A 251 -10.69 25.14 23.03
CA ALA A 251 -12.14 25.19 22.87
C ALA A 251 -12.77 23.79 22.91
N ALA A 252 -12.13 22.82 22.28
CA ALA A 252 -12.65 21.45 22.24
C ALA A 252 -12.59 20.80 23.62
N VAL A 253 -11.46 20.98 24.30
CA VAL A 253 -11.31 20.40 25.64
C VAL A 253 -12.33 21.01 26.60
N GLU A 254 -12.43 22.33 26.60
CA GLU A 254 -13.38 23.04 27.46
C GLU A 254 -14.81 22.59 27.16
N ALA A 255 -15.16 22.47 25.88
CA ALA A 255 -16.48 21.97 25.48
C ALA A 255 -16.76 20.54 25.99
N PHE A 256 -15.76 19.67 25.89
CA PHE A 256 -15.88 18.31 26.39
C PHE A 256 -16.15 18.28 27.89
N LEU A 257 -15.42 19.10 28.66
CA LEU A 257 -15.65 19.20 30.10
C LEU A 257 -17.03 19.76 30.45
N ALA A 258 -17.53 20.68 29.63
CA ALA A 258 -18.86 21.28 29.86
C ALA A 258 -20.01 20.45 29.27
N LYS A 259 -19.72 19.25 28.77
CA LYS A 259 -20.76 18.41 28.16
C LYS A 259 -21.47 19.23 27.10
N ASP A 260 -20.69 19.73 26.16
CA ASP A 260 -21.08 20.87 25.34
C ASP A 260 -20.39 20.72 23.98
N LYS A 261 -20.95 21.36 22.95
CA LYS A 261 -20.44 21.25 21.59
C LYS A 261 -19.55 22.46 21.26
N PRO A 262 -18.31 22.20 20.79
CA PRO A 262 -17.41 23.32 20.49
C PRO A 262 -17.73 24.00 19.16
N VAL A 263 -17.36 25.27 19.05
CA VAL A 263 -17.29 25.95 17.77
C VAL A 263 -15.80 26.08 17.41
N PHE A 264 -15.44 25.66 16.20
CA PHE A 264 -14.04 25.69 15.73
C PHE A 264 -13.84 26.85 14.78
N VAL A 265 -12.71 27.55 14.89
CA VAL A 265 -12.44 28.70 14.02
C VAL A 265 -11.22 28.56 13.11
N GLY A 266 -10.43 27.50 13.28
CA GLY A 266 -9.29 27.25 12.41
C GLY A 266 -7.95 27.82 12.87
N ARG A 267 -7.84 28.19 14.13
CA ARG A 267 -6.57 28.59 14.73
C ARG A 267 -6.57 28.17 16.20
N ALA B 7 3.20 -2.18 38.81
CA ALA B 7 1.77 -2.18 39.25
C ALA B 7 0.79 -1.72 38.13
N ALA B 8 1.06 -0.56 37.51
CA ALA B 8 0.20 -0.05 36.41
C ALA B 8 0.32 -0.84 35.09
N VAL B 9 1.52 -1.30 34.78
CA VAL B 9 1.74 -2.20 33.67
C VAL B 9 2.42 -3.47 34.20
N ALA B 10 1.83 -4.64 33.95
CA ALA B 10 2.42 -5.90 34.41
C ALA B 10 3.38 -6.42 33.36
N TYR B 11 4.55 -6.89 33.81
CA TYR B 11 5.54 -7.49 32.93
C TYR B 11 5.99 -8.82 33.49
N SER B 12 6.07 -9.83 32.63
CA SER B 12 6.66 -11.12 32.99
C SER B 12 7.20 -11.84 31.74
N VAL B 13 8.20 -12.69 31.93
CA VAL B 13 8.68 -13.56 30.86
C VAL B 13 8.43 -14.99 31.30
N ASN B 14 7.72 -15.77 30.49
CA ASN B 14 7.38 -17.15 30.89
C ASN B 14 8.45 -18.18 30.49
N HIS B 15 8.14 -19.44 30.77
CA HIS B 15 9.02 -20.59 30.51
C HIS B 15 9.45 -20.71 29.04
N ALA B 16 8.58 -20.34 28.12
CA ALA B 16 8.84 -20.46 26.69
C ALA B 16 9.47 -19.20 26.07
N GLY B 17 9.75 -18.19 26.90
CA GLY B 17 10.34 -16.94 26.40
C GLY B 17 9.33 -15.94 25.84
N VAL B 18 8.07 -16.08 26.26
CA VAL B 18 7.03 -15.13 25.89
C VAL B 18 7.07 -14.01 26.93
N ALA B 19 7.31 -12.78 26.48
CA ALA B 19 7.19 -11.63 27.36
C ALA B 19 5.76 -11.11 27.30
N ALA B 20 5.10 -11.07 28.46
CA ALA B 20 3.74 -10.58 28.55
C ALA B 20 3.78 -9.15 29.09
N ILE B 21 3.20 -8.23 28.33
CA ILE B 21 3.03 -6.84 28.77
C ILE B 21 1.53 -6.57 28.88
N VAL B 22 1.05 -6.31 30.10
CA VAL B 22 -0.37 -6.07 30.31
C VAL B 22 -0.62 -4.66 30.86
N LEU B 23 -1.45 -3.91 30.12
CA LEU B 23 -1.96 -2.64 30.61
C LEU B 23 -2.97 -2.95 31.71
N ASP B 24 -2.75 -2.40 32.90
CA ASP B 24 -3.51 -2.80 34.09
C ASP B 24 -3.99 -1.59 34.89
N ARG B 25 -4.69 -0.70 34.20
CA ARG B 25 -5.38 0.41 34.81
C ARG B 25 -6.84 0.36 34.34
N PRO B 26 -7.52 -0.79 34.58
CA PRO B 26 -8.87 -1.00 34.05
C PRO B 26 -9.88 0.06 34.49
N GLU B 27 -9.70 0.62 35.68
CA GLU B 27 -10.61 1.63 36.24
C GLU B 27 -10.63 2.90 35.38
N ALA B 28 -9.59 3.14 34.60
CA ALA B 28 -9.53 4.30 33.71
C ALA B 28 -9.53 3.90 32.23
N SER B 29 -10.01 2.70 31.92
CA SER B 29 -9.93 2.12 30.57
C SER B 29 -8.50 2.14 29.99
N ASN B 30 -7.53 1.97 30.89
CA ASN B 30 -6.10 1.98 30.56
C ASN B 30 -5.60 3.28 29.93
N ALA B 31 -6.25 4.38 30.30
CA ALA B 31 -5.82 5.71 29.88
C ALA B 31 -4.39 5.93 30.33
N LEU B 32 -3.55 6.48 29.47
CA LEU B 32 -2.12 6.55 29.72
C LEU B 32 -1.73 7.82 30.46
N ASP B 33 -1.49 7.68 31.76
CA ASP B 33 -0.93 8.79 32.57
C ASP B 33 0.60 8.59 32.70
N ARG B 34 1.28 9.48 33.39
CA ARG B 34 2.75 9.45 33.43
C ARG B 34 3.31 8.13 33.94
N THR B 35 2.72 7.61 35.02
CA THR B 35 3.11 6.33 35.61
C THR B 35 2.97 5.20 34.61
N MET B 36 1.82 5.16 33.95
CA MET B 36 1.54 4.16 32.94
C MET B 36 2.53 4.21 31.77
N LYS B 37 2.85 5.42 31.31
CA LYS B 37 3.76 5.63 30.17
C LYS B 37 5.20 5.24 30.51
N THR B 38 5.64 5.64 31.69
CA THR B 38 6.98 5.30 32.18
C THR B 38 7.14 3.78 32.35
N GLU B 39 6.14 3.12 32.91
CA GLU B 39 6.21 1.69 33.15
C GLU B 39 6.08 0.91 31.84
N LEU B 40 5.29 1.41 30.90
CA LEU B 40 5.17 0.79 29.59
C LEU B 40 6.51 0.81 28.85
N LEU B 41 7.20 1.96 28.88
CA LEU B 41 8.53 2.09 28.30
C LEU B 41 9.53 1.08 28.88
N GLN B 42 9.59 1.00 30.21
CA GLN B 42 10.47 0.04 30.88
C GLN B 42 10.16 -1.42 30.51
N ALA B 43 8.88 -1.76 30.40
CA ALA B 43 8.49 -3.11 30.01
C ALA B 43 8.92 -3.42 28.56
N LEU B 44 8.70 -2.49 27.64
CA LEU B 44 9.13 -2.66 26.25
C LEU B 44 10.67 -2.73 26.12
N LEU B 45 11.37 -1.88 26.84
CA LEU B 45 12.84 -1.96 26.84
C LEU B 45 13.34 -3.30 27.42
N ALA B 46 12.73 -3.76 28.50
CA ALA B 46 13.12 -5.04 29.09
C ALA B 46 12.92 -6.15 28.06
N ALA B 47 11.73 -6.20 27.46
CA ALA B 47 11.42 -7.19 26.42
C ALA B 47 12.41 -7.19 25.25
N GLY B 48 12.81 -5.99 24.81
CA GLY B 48 13.69 -5.87 23.65
C GLY B 48 15.15 -6.20 23.90
N GLY B 49 15.57 -6.08 25.17
CA GLY B 49 16.97 -6.28 25.55
C GLY B 49 17.24 -7.66 26.13
N ASP B 50 16.18 -8.40 26.44
CA ASP B 50 16.30 -9.73 27.06
C ASP B 50 16.48 -10.80 25.97
N PRO B 51 17.66 -11.43 25.91
CA PRO B 51 17.92 -12.39 24.84
C PRO B 51 17.17 -13.72 25.00
N ALA B 52 16.54 -13.95 26.15
CA ALA B 52 15.69 -15.12 26.33
C ALA B 52 14.31 -14.92 25.72
N VAL B 53 13.95 -13.68 25.38
CA VAL B 53 12.61 -13.40 24.85
C VAL B 53 12.52 -13.82 23.39
N ARG B 54 11.52 -14.64 23.06
CA ARG B 54 11.36 -15.15 21.68
C ARG B 54 10.05 -14.67 21.03
N ALA B 55 9.18 -14.07 21.84
CA ALA B 55 7.96 -13.42 21.34
C ALA B 55 7.39 -12.53 22.45
N VAL B 56 6.57 -11.58 22.04
CA VAL B 56 5.95 -10.62 22.94
C VAL B 56 4.44 -10.64 22.73
N VAL B 57 3.70 -10.59 23.83
CA VAL B 57 2.25 -10.43 23.75
C VAL B 57 1.84 -9.23 24.59
N MET B 58 1.10 -8.33 23.94
CA MET B 58 0.60 -7.12 24.54
C MET B 58 -0.91 -7.30 24.74
N SER B 59 -1.39 -7.07 25.96
CA SER B 59 -2.80 -7.17 26.29
C SER B 59 -3.21 -6.13 27.31
N ALA B 60 -4.48 -6.14 27.69
CA ALA B 60 -5.03 -5.12 28.61
C ALA B 60 -6.19 -5.64 29.46
N ALA B 61 -6.20 -5.25 30.74
CA ALA B 61 -7.24 -5.66 31.68
C ALA B 61 -8.52 -4.85 31.49
N GLY B 62 -9.66 -5.45 31.83
CA GLY B 62 -10.95 -4.78 31.77
C GLY B 62 -11.56 -4.81 30.38
N LYS B 63 -12.51 -3.92 30.14
CA LYS B 63 -13.29 -3.94 28.90
C LYS B 63 -12.61 -3.24 27.72
N ASN B 64 -11.68 -2.32 27.97
CA ASN B 64 -11.11 -1.52 26.90
C ASN B 64 -9.60 -1.57 26.83
N PHE B 65 -9.06 -1.83 25.63
CA PHE B 65 -7.62 -1.95 25.45
C PHE B 65 -6.89 -0.70 25.94
N CYS B 66 -7.23 0.45 25.35
CA CYS B 66 -6.56 1.70 25.70
C CYS B 66 -7.25 2.90 25.03
N VAL B 67 -7.78 3.80 25.84
CA VAL B 67 -8.44 5.00 25.32
C VAL B 67 -7.48 6.14 25.03
N GLY B 68 -6.16 5.90 25.18
CA GLY B 68 -5.17 6.92 24.85
C GLY B 68 -4.79 7.79 26.04
N GLN B 69 -4.33 9.00 25.77
CA GLN B 69 -3.83 9.93 26.80
C GLN B 69 -4.82 10.09 27.96
N ASP B 70 -4.29 10.13 29.17
CA ASP B 70 -5.14 10.42 30.32
C ASP B 70 -5.66 11.87 30.26
N LEU B 71 -6.99 12.00 30.33
CA LEU B 71 -7.65 13.30 30.16
C LEU B 71 -7.33 14.27 31.29
N ALA B 72 -7.41 13.79 32.54
CA ALA B 72 -7.19 14.65 33.70
C ALA B 72 -5.78 15.24 33.71
N GLU B 73 -4.79 14.41 33.39
CA GLU B 73 -3.41 14.90 33.37
C GLU B 73 -3.21 15.85 32.21
N HIS B 74 -3.90 15.58 31.11
CA HIS B 74 -3.82 16.46 29.96
C HIS B 74 -4.46 17.83 30.25
N VAL B 75 -5.62 17.83 30.89
CA VAL B 75 -6.30 19.08 31.26
C VAL B 75 -5.39 19.95 32.15
N GLU B 76 -4.73 19.33 33.13
CA GLU B 76 -3.85 20.03 34.06
C GLU B 76 -2.65 20.68 33.35
N ALA B 77 -2.04 19.96 32.41
CA ALA B 77 -0.91 20.50 31.63
C ALA B 77 -1.37 21.66 30.74
N LEU B 78 -2.54 21.48 30.14
CA LEU B 78 -3.10 22.47 29.22
C LEU B 78 -3.43 23.78 29.95
N ARG B 79 -3.95 23.68 31.17
CA ARG B 79 -4.24 24.86 31.97
C ARG B 79 -3.00 25.47 32.58
N ASP B 80 -2.03 24.63 32.90
CA ASP B 80 -0.78 25.15 33.48
C ASP B 80 0.05 25.92 32.45
N ASP B 81 0.14 25.38 31.24
CA ASP B 81 1.05 25.91 30.22
C ASP B 81 0.69 25.34 28.84
N PRO B 82 -0.30 25.95 28.17
CA PRO B 82 -0.81 25.45 26.88
C PRO B 82 0.27 25.27 25.81
N ALA B 83 1.25 26.18 25.80
CA ALA B 83 2.33 26.15 24.80
C ALA B 83 3.16 24.86 24.86
N HIS B 84 3.21 24.21 26.02
CA HIS B 84 3.99 23.01 26.20
C HIS B 84 3.17 21.80 26.64
N ALA B 85 1.85 21.87 26.43
CA ALA B 85 0.96 20.80 26.92
C ALA B 85 1.19 19.45 26.26
N MET B 86 1.82 19.43 25.08
CA MET B 86 2.09 18.19 24.37
C MET B 86 3.53 17.72 24.48
N ASP B 87 4.28 18.26 25.45
CA ASP B 87 5.63 17.77 25.80
C ASP B 87 5.70 16.24 25.90
N THR B 88 4.65 15.66 26.46
CA THR B 88 4.57 14.23 26.68
C THR B 88 4.77 13.38 25.42
N VAL B 89 4.42 13.92 24.25
CA VAL B 89 4.64 13.20 22.98
C VAL B 89 6.13 12.90 22.80
N ARG B 90 6.95 13.91 23.07
CA ARG B 90 8.38 13.80 22.90
C ARG B 90 9.03 13.05 24.08
N GLU B 91 8.56 13.32 25.28
CA GLU B 91 9.12 12.74 26.51
C GLU B 91 8.67 11.29 26.76
N HIS B 92 7.44 10.94 26.40
CA HIS B 92 6.88 9.63 26.76
C HIS B 92 6.49 8.74 25.58
N TYR B 93 5.67 9.28 24.68
CA TYR B 93 5.12 8.49 23.59
C TYR B 93 6.18 8.10 22.57
N ASN B 94 7.02 9.04 22.17
CA ASN B 94 8.07 8.76 21.21
C ASN B 94 9.01 7.63 21.68
N PRO B 95 9.55 7.70 22.91
CA PRO B 95 10.38 6.56 23.36
C PRO B 95 9.63 5.20 23.38
N VAL B 96 8.36 5.22 23.76
CA VAL B 96 7.53 4.01 23.76
C VAL B 96 7.46 3.37 22.36
N LEU B 97 7.16 4.19 21.35
CA LEU B 97 7.03 3.69 19.98
C LEU B 97 8.36 3.18 19.42
N GLU B 98 9.45 3.88 19.74
CA GLU B 98 10.78 3.42 19.34
C GLU B 98 11.14 2.12 20.04
N ALA B 99 10.80 2.01 21.32
CA ALA B 99 11.10 0.82 22.09
C ALA B 99 10.32 -0.38 21.56
N LEU B 100 9.05 -0.15 21.20
CA LEU B 100 8.24 -1.18 20.56
C LEU B 100 8.88 -1.56 19.21
N ASP B 101 9.23 -0.58 18.41
CA ASP B 101 9.84 -0.83 17.12
C ASP B 101 11.16 -1.62 17.24
N ALA B 102 11.93 -1.34 18.29
CA ALA B 102 13.23 -1.99 18.51
C ALA B 102 13.16 -3.48 18.88
N ILE B 103 11.99 -3.98 19.25
CA ILE B 103 11.83 -5.41 19.54
C ILE B 103 12.04 -6.21 18.25
N LYS B 104 13.03 -7.09 18.25
CA LYS B 104 13.38 -7.84 17.04
C LYS B 104 12.47 -9.05 16.79
N VAL B 105 11.91 -9.61 17.87
CA VAL B 105 11.11 -10.83 17.78
C VAL B 105 9.66 -10.47 17.49
N PRO B 106 8.81 -11.48 17.21
CA PRO B 106 7.43 -11.17 16.88
C PRO B 106 6.62 -10.60 18.04
N VAL B 107 5.77 -9.62 17.74
CA VAL B 107 4.95 -8.95 18.75
C VAL B 107 3.50 -9.14 18.37
N VAL B 108 2.71 -9.68 19.30
CA VAL B 108 1.29 -9.94 19.10
C VAL B 108 0.54 -9.06 20.06
N VAL B 109 -0.63 -8.54 19.64
CA VAL B 109 -1.47 -7.73 20.52
C VAL B 109 -2.91 -8.22 20.50
N ALA B 110 -3.50 -8.26 21.70
CA ALA B 110 -4.89 -8.66 21.91
C ALA B 110 -5.69 -7.39 22.19
N ILE B 111 -6.71 -7.13 21.36
CA ILE B 111 -7.45 -5.88 21.44
C ILE B 111 -8.92 -6.11 21.78
N ASN B 112 -9.23 -5.77 23.03
CA ASN B 112 -10.58 -5.77 23.57
C ASN B 112 -11.13 -4.34 23.53
N GLY B 113 -12.43 -4.20 23.26
CA GLY B 113 -13.12 -2.91 23.33
C GLY B 113 -12.42 -1.72 22.67
N ALA B 114 -12.42 -0.58 23.35
CA ALA B 114 -11.95 0.68 22.76
C ALA B 114 -10.44 0.71 22.58
N CYS B 115 -10.03 1.13 21.37
CA CYS B 115 -8.63 1.23 20.97
C CYS B 115 -8.51 2.52 20.18
N VAL B 116 -8.16 3.61 20.87
CA VAL B 116 -8.22 4.92 20.25
C VAL B 116 -7.03 5.78 20.62
N GLY B 117 -6.70 6.71 19.74
CA GLY B 117 -5.61 7.63 19.98
C GLY B 117 -4.30 6.87 20.05
N ALA B 118 -3.49 7.20 21.06
CA ALA B 118 -2.24 6.49 21.31
C ALA B 118 -2.45 4.99 21.54
N GLY B 119 -3.65 4.61 21.96
CA GLY B 119 -3.98 3.20 22.12
C GLY B 119 -3.94 2.48 20.78
N LEU B 120 -4.49 3.15 19.76
CA LEU B 120 -4.44 2.65 18.39
C LEU B 120 -3.00 2.63 17.90
N GLY B 121 -2.25 3.69 18.17
CA GLY B 121 -0.84 3.78 17.74
C GLY B 121 -0.04 2.61 18.28
N LEU B 122 -0.29 2.29 19.53
CA LEU B 122 0.41 1.23 20.24
C LEU B 122 0.05 -0.10 19.62
N ALA B 123 -1.24 -0.31 19.37
CA ALA B 123 -1.70 -1.55 18.76
C ALA B 123 -1.15 -1.76 17.35
N LEU B 124 -1.06 -0.69 16.56
CA LEU B 124 -0.58 -0.81 15.18
C LEU B 124 0.93 -1.01 15.08
N GLY B 125 1.66 -0.79 16.17
CA GLY B 125 3.09 -1.11 16.21
C GLY B 125 3.40 -2.60 16.38
N ALA B 126 2.39 -3.40 16.73
CA ALA B 126 2.58 -4.85 16.85
C ALA B 126 2.62 -5.48 15.47
N ASP B 127 3.11 -6.72 15.40
CA ASP B 127 3.14 -7.47 14.13
C ASP B 127 1.80 -8.17 13.82
N ILE B 128 1.18 -8.74 14.86
CA ILE B 128 -0.04 -9.53 14.70
C ILE B 128 -1.06 -8.98 15.68
N ARG B 129 -2.27 -8.75 15.19
CA ARG B 129 -3.33 -8.06 15.94
C ARG B 129 -4.55 -8.96 15.98
N ILE B 130 -4.96 -9.33 17.19
CA ILE B 130 -6.15 -10.15 17.40
C ILE B 130 -7.21 -9.31 18.10
N ALA B 131 -8.38 -9.17 17.48
CA ALA B 131 -9.43 -8.32 18.03
C ALA B 131 -10.62 -9.13 18.51
N GLY B 132 -11.21 -8.68 19.62
CA GLY B 132 -12.47 -9.24 20.10
C GLY B 132 -13.61 -8.67 19.26
N GLN B 133 -14.73 -9.38 19.25
CA GLN B 133 -15.86 -9.02 18.38
C GLN B 133 -16.38 -7.61 18.64
N ARG B 134 -16.22 -7.09 19.86
CA ARG B 134 -16.69 -5.74 20.18
C ARG B 134 -15.59 -4.67 20.24
N ALA B 135 -14.43 -4.95 19.64
CA ALA B 135 -13.35 -3.95 19.58
C ALA B 135 -13.76 -2.78 18.66
N LYS B 136 -13.35 -1.57 19.04
CA LYS B 136 -13.64 -0.34 18.26
C LYS B 136 -12.36 0.47 18.08
N PHE B 137 -12.19 1.02 16.88
CA PHE B 137 -10.94 1.68 16.50
C PHE B 137 -11.24 3.08 15.97
N GLY B 138 -10.50 4.06 16.49
CA GLY B 138 -10.63 5.45 16.05
C GLY B 138 -9.34 6.23 16.33
N THR B 139 -9.07 7.21 15.50
CA THR B 139 -7.87 8.04 15.67
C THR B 139 -8.05 9.07 16.79
N ALA B 140 -9.27 9.61 16.89
CA ALA B 140 -9.67 10.57 17.93
C ALA B 140 -9.05 11.99 17.89
N PHE B 141 -7.87 12.16 17.32
CA PHE B 141 -7.11 13.41 17.53
C PHE B 141 -7.81 14.68 17.05
N THR B 142 -8.32 14.66 15.82
CA THR B 142 -8.91 15.84 15.20
C THR B 142 -10.23 16.19 15.85
N GLY B 143 -10.88 15.18 16.43
CA GLY B 143 -12.07 15.39 17.26
C GLY B 143 -11.88 16.45 18.34
N ILE B 144 -10.64 16.59 18.84
CA ILE B 144 -10.33 17.63 19.84
C ILE B 144 -9.27 18.62 19.35
N GLY B 145 -9.12 18.71 18.03
CA GLY B 145 -8.25 19.71 17.43
C GLY B 145 -6.76 19.41 17.46
N LEU B 146 -6.40 18.15 17.61
CA LEU B 146 -5.02 17.71 17.45
C LEU B 146 -4.90 16.99 16.11
N ALA B 147 -3.70 16.52 15.76
CA ALA B 147 -3.49 15.88 14.47
C ALA B 147 -3.19 14.38 14.58
N ALA B 148 -2.03 14.04 15.12
CA ALA B 148 -1.59 12.64 15.22
C ALA B 148 -0.31 12.53 16.04
N ASP B 149 -0.21 11.44 16.79
CA ASP B 149 1.04 11.03 17.41
C ASP B 149 1.10 9.50 17.53
N SER B 150 2.12 8.98 18.20
CA SER B 150 2.32 7.55 18.36
C SER B 150 2.48 6.81 17.03
N ALA B 151 3.07 7.51 16.04
CA ALA B 151 3.41 6.98 14.72
C ALA B 151 2.20 6.68 13.83
N LEU B 152 1.02 7.12 14.27
CA LEU B 152 -0.23 6.79 13.61
C LEU B 152 -0.38 7.42 12.23
N SER B 153 0.30 8.55 12.01
CA SER B 153 0.33 9.20 10.69
C SER B 153 1.10 8.38 9.64
N ALA B 154 1.84 7.38 10.12
CA ALA B 154 2.51 6.43 9.25
C ALA B 154 1.84 5.04 9.30
N SER B 155 1.67 4.52 10.51
CA SER B 155 1.20 3.16 10.70
C SER B 155 -0.24 2.95 10.20
N LEU B 156 -1.12 3.92 10.37
CA LEU B 156 -2.49 3.73 9.94
C LEU B 156 -2.60 3.62 8.40
N PRO B 157 -2.05 4.57 7.64
CA PRO B 157 -2.19 4.39 6.18
C PRO B 157 -1.42 3.19 5.63
N ARG B 158 -0.30 2.85 6.27
CA ARG B 158 0.48 1.68 5.86
C ARG B 158 -0.31 0.38 6.03
N LEU B 159 -1.22 0.34 7.01
CA LEU B 159 -2.06 -0.85 7.25
C LEU B 159 -3.32 -0.88 6.40
N ILE B 160 -4.06 0.24 6.31
CA ILE B 160 -5.35 0.24 5.64
C ILE B 160 -5.41 1.07 4.36
N GLY B 161 -4.30 1.67 3.98
CA GLY B 161 -4.25 2.47 2.76
C GLY B 161 -4.58 3.94 3.03
N ALA B 162 -4.22 4.79 2.07
CA ALA B 162 -4.30 6.23 2.24
C ALA B 162 -5.75 6.76 2.27
N SER B 163 -6.64 6.17 1.48
CA SER B 163 -8.03 6.61 1.46
C SER B 163 -8.71 6.45 2.82
N ARG B 164 -8.69 5.23 3.31
CA ARG B 164 -9.39 4.93 4.57
C ARG B 164 -8.75 5.63 5.77
N ALA B 165 -7.42 5.70 5.79
CA ALA B 165 -6.72 6.40 6.86
C ALA B 165 -7.06 7.89 6.85
N THR B 166 -7.16 8.48 5.67
CA THR B 166 -7.52 9.90 5.53
C THR B 166 -8.95 10.17 6.01
N ALA B 167 -9.90 9.29 5.71
CA ALA B 167 -11.24 9.44 6.21
C ALA B 167 -11.27 9.31 7.73
N MET B 168 -10.58 8.32 8.27
CA MET B 168 -10.53 8.14 9.72
C MET B 168 -10.03 9.39 10.43
N PHE B 169 -8.92 9.95 9.93
CA PHE B 169 -8.32 11.13 10.55
C PHE B 169 -9.20 12.37 10.35
N LEU B 170 -9.64 12.61 9.12
CA LEU B 170 -10.36 13.84 8.80
C LEU B 170 -11.85 13.84 9.21
N LEU B 171 -12.54 12.72 9.05
CA LEU B 171 -13.97 12.66 9.36
C LEU B 171 -14.28 12.08 10.74
N GLY B 172 -13.29 11.49 11.40
CA GLY B 172 -13.48 10.91 12.71
C GLY B 172 -14.25 9.60 12.67
N ASP B 173 -14.25 8.94 11.51
CA ASP B 173 -14.91 7.65 11.36
C ASP B 173 -14.33 6.62 12.33
N THR B 174 -15.19 6.07 13.18
CA THR B 174 -14.82 5.00 14.09
C THR B 174 -15.29 3.67 13.51
N ILE B 175 -14.41 2.67 13.49
CA ILE B 175 -14.78 1.39 12.90
C ILE B 175 -14.86 0.24 13.90
N ASP B 176 -15.67 -0.74 13.57
CA ASP B 176 -15.84 -1.92 14.42
C ASP B 176 -14.97 -3.07 13.91
N ALA B 177 -14.99 -4.18 14.64
CA ALA B 177 -14.06 -5.27 14.38
C ALA B 177 -14.17 -5.88 12.97
N PRO B 178 -15.39 -6.18 12.51
CA PRO B 178 -15.48 -6.75 11.15
C PRO B 178 -15.01 -5.81 10.03
N THR B 179 -15.32 -4.51 10.15
CA THR B 179 -14.76 -3.53 9.21
C THR B 179 -13.23 -3.53 9.29
N ALA B 180 -12.69 -3.51 10.52
CA ALA B 180 -11.26 -3.56 10.75
C ALA B 180 -10.64 -4.80 10.11
N HIS B 181 -11.32 -5.93 10.22
CA HIS B 181 -10.86 -7.16 9.61
C HIS B 181 -10.84 -7.06 8.08
N THR B 182 -11.95 -6.65 7.49
CA THR B 182 -12.01 -6.49 6.04
C THR B 182 -10.93 -5.52 5.53
N TRP B 183 -10.72 -4.43 6.26
CA TRP B 183 -9.73 -3.40 5.86
C TRP B 183 -8.26 -3.79 6.07
N GLY B 184 -8.03 -4.87 6.84
CA GLY B 184 -6.68 -5.35 7.15
C GLY B 184 -6.03 -4.64 8.34
N LEU B 185 -6.84 -3.97 9.16
CA LEU B 185 -6.36 -3.33 10.38
C LEU B 185 -6.02 -4.37 11.44
N VAL B 186 -6.71 -5.51 11.42
CA VAL B 186 -6.40 -6.61 12.33
C VAL B 186 -6.37 -7.91 11.53
N HIS B 187 -5.68 -8.92 12.04
CA HIS B 187 -5.55 -10.20 11.34
C HIS B 187 -6.72 -11.13 11.60
N GLU B 188 -7.35 -11.01 12.76
CA GLU B 188 -8.34 -11.98 13.22
C GLU B 188 -9.32 -11.31 14.17
N VAL B 189 -10.58 -11.69 14.06
CA VAL B 189 -11.61 -11.29 15.01
C VAL B 189 -12.09 -12.55 15.71
N VAL B 190 -12.07 -12.55 17.05
CA VAL B 190 -12.59 -13.65 17.84
C VAL B 190 -13.69 -13.16 18.78
N ASP B 191 -14.30 -14.09 19.49
CA ASP B 191 -15.29 -13.75 20.52
C ASP B 191 -14.66 -12.79 21.55
N GLU B 192 -15.42 -11.79 21.98
CA GLU B 192 -14.92 -10.82 22.97
C GLU B 192 -14.61 -11.61 24.24
N GLY B 193 -13.49 -11.31 24.88
CA GLY B 193 -13.05 -12.14 26.01
C GLY B 193 -12.28 -13.40 25.64
N SER B 194 -12.05 -13.64 24.36
CA SER B 194 -11.02 -14.59 23.89
C SER B 194 -9.72 -13.97 23.32
N PRO B 195 -9.66 -12.64 23.08
CA PRO B 195 -8.50 -12.16 22.31
C PRO B 195 -7.17 -12.41 22.98
N ALA B 196 -7.09 -12.19 24.28
CA ALA B 196 -5.87 -12.48 25.03
C ALA B 196 -5.53 -13.97 24.99
N ASP B 197 -6.53 -14.83 25.13
CA ASP B 197 -6.30 -16.28 25.04
C ASP B 197 -5.68 -16.64 23.70
N VAL B 198 -6.28 -16.14 22.63
CA VAL B 198 -5.81 -16.47 21.28
C VAL B 198 -4.44 -15.85 21.03
N ALA B 199 -4.26 -14.60 21.44
CA ALA B 199 -2.96 -13.93 21.33
C ALA B 199 -1.84 -14.70 22.04
N ASN B 200 -2.14 -15.18 23.25
CA ASN B 200 -1.19 -16.00 24.01
C ASN B 200 -0.85 -17.29 23.31
N SER B 201 -1.83 -17.93 22.66
CA SER B 201 -1.56 -19.16 21.91
C SER B 201 -0.69 -18.87 20.71
N VAL B 202 -1.01 -17.81 19.99
CA VAL B 202 -0.24 -17.39 18.82
C VAL B 202 1.19 -17.05 19.25
N ALA B 203 1.33 -16.21 20.28
CA ALA B 203 2.65 -15.84 20.80
C ALA B 203 3.46 -17.06 21.26
N GLY B 204 2.78 -18.01 21.90
CA GLY B 204 3.43 -19.25 22.34
C GLY B 204 3.97 -20.07 21.18
N ARG B 205 3.18 -20.19 20.12
CA ARG B 205 3.59 -20.91 18.90
C ARG B 205 4.78 -20.22 18.23
N LEU B 206 4.71 -18.90 18.11
CA LEU B 206 5.83 -18.11 17.58
C LEU B 206 7.09 -18.23 18.44
N ALA B 207 6.91 -18.29 19.76
CA ALA B 207 8.05 -18.41 20.67
C ALA B 207 8.78 -19.74 20.52
N GLY B 208 8.06 -20.80 20.17
CA GLY B 208 8.67 -22.13 19.93
C GLY B 208 9.22 -22.28 18.51
N GLY B 209 9.13 -21.22 17.71
CA GLY B 209 9.57 -21.23 16.32
C GLY B 209 11.01 -20.79 16.11
N PRO B 210 11.41 -20.68 14.84
CA PRO B 210 12.78 -20.27 14.49
C PRO B 210 13.01 -18.78 14.71
N THR B 211 13.26 -18.41 15.95
CA THR B 211 13.31 -17.02 16.38
C THR B 211 14.29 -16.17 15.57
N ALA B 212 15.45 -16.75 15.21
CA ALA B 212 16.44 -16.01 14.43
C ALA B 212 15.92 -15.73 13.02
N ALA B 213 15.26 -16.71 12.44
CA ALA B 213 14.62 -16.53 11.16
C ALA B 213 13.51 -15.48 11.24
N PHE B 214 12.71 -15.52 12.29
CA PHE B 214 11.63 -14.55 12.45
C PHE B 214 12.18 -13.13 12.54
N SER B 215 13.25 -12.97 13.33
CA SER B 215 13.88 -11.68 13.49
CA SER B 215 13.94 -11.69 13.50
C SER B 215 14.45 -11.16 12.17
N GLU B 216 15.13 -12.02 11.42
CA GLU B 216 15.68 -11.65 10.10
C GLU B 216 14.59 -11.23 9.11
N VAL B 217 13.53 -12.03 8.99
CA VAL B 217 12.49 -11.71 8.00
C VAL B 217 11.76 -10.39 8.34
N LYS B 218 11.52 -10.15 9.63
CA LYS B 218 10.87 -8.92 10.09
C LYS B 218 11.70 -7.69 9.75
N GLU B 219 13.02 -7.80 9.87
CA GLU B 219 13.93 -6.72 9.55
C GLU B 219 14.05 -6.57 8.02
N LEU B 220 14.03 -7.69 7.30
CA LEU B 220 13.99 -7.61 5.83
C LEU B 220 12.75 -6.88 5.35
N LEU B 221 11.59 -7.26 5.88
CA LEU B 221 10.33 -6.59 5.53
C LEU B 221 10.39 -5.07 5.76
N ARG B 222 10.94 -4.67 6.90
CA ARG B 222 11.03 -3.26 7.23
C ARG B 222 12.05 -2.49 6.38
N ARG B 223 13.22 -3.08 6.17
CA ARG B 223 14.27 -2.42 5.36
C ARG B 223 13.91 -2.28 3.87
N ASN B 224 13.21 -3.29 3.35
CA ASN B 224 13.04 -3.44 1.90
C ASN B 224 11.73 -2.87 1.37
N ALA B 225 10.94 -2.27 2.27
CA ALA B 225 9.62 -1.72 1.91
C ALA B 225 9.66 -0.88 0.64
N VAL B 226 10.58 0.08 0.58
CA VAL B 226 10.72 0.92 -0.61
C VAL B 226 12.12 0.91 -1.25
N ALA B 227 12.90 -0.13 -0.97
CA ALA B 227 14.28 -0.19 -1.44
C ALA B 227 14.39 -0.57 -2.92
N PRO B 228 15.44 -0.08 -3.61
CA PRO B 228 15.78 -0.57 -4.95
C PRO B 228 16.02 -2.08 -4.95
N LEU B 229 15.67 -2.75 -6.05
CA LEU B 229 15.78 -4.19 -6.17
C LEU B 229 17.15 -4.75 -5.82
N GLY B 230 18.22 -4.07 -6.24
CA GLY B 230 19.58 -4.51 -5.93
C GLY B 230 19.85 -4.62 -4.43
N ASP B 231 19.38 -3.62 -3.68
CA ASP B 231 19.51 -3.61 -2.23
C ASP B 231 18.66 -4.71 -1.60
N VAL B 232 17.43 -4.85 -2.10
CA VAL B 232 16.55 -5.91 -1.62
C VAL B 232 17.26 -7.26 -1.73
N LEU B 233 17.77 -7.56 -2.93
CA LEU B 233 18.37 -8.85 -3.23
C LEU B 233 19.66 -9.11 -2.42
N GLU B 234 20.50 -8.09 -2.29
CA GLU B 234 21.73 -8.18 -1.49
C GLU B 234 21.42 -8.53 -0.05
N ARG B 235 20.47 -7.80 0.55
CA ARG B 235 20.08 -8.02 1.95
C ARG B 235 19.47 -9.40 2.18
N GLU B 236 18.64 -9.85 1.24
CA GLU B 236 18.06 -11.19 1.28
C GLU B 236 19.14 -12.26 1.26
N ALA B 237 20.12 -12.12 0.36
CA ALA B 237 21.23 -13.09 0.28
C ALA B 237 22.04 -13.17 1.58
N SER B 238 22.33 -12.02 2.19
CA SER B 238 23.11 -12.01 3.43
C SER B 238 22.35 -12.68 4.56
N ALA B 239 21.07 -12.35 4.66
CA ALA B 239 20.22 -12.93 5.69
C ALA B 239 20.05 -14.44 5.52
N GLN B 240 19.85 -14.87 4.28
CA GLN B 240 19.73 -16.30 4.02
C GLN B 240 21.01 -17.07 4.33
N GLN B 241 22.17 -16.45 4.07
CA GLN B 241 23.45 -17.10 4.33
C GLN B 241 23.64 -17.28 5.83
N ARG B 242 23.27 -16.27 6.61
CA ARG B 242 23.36 -16.32 8.07
C ARG B 242 22.44 -17.40 8.68
N LEU B 243 21.25 -17.55 8.10
CA LEU B 243 20.28 -18.54 8.57
C LEU B 243 20.62 -19.93 8.09
N GLY B 244 21.28 -20.02 6.93
CA GLY B 244 21.69 -21.30 6.36
C GLY B 244 22.63 -22.04 7.26
N ALA B 245 23.40 -21.31 8.06
CA ALA B 245 24.37 -21.89 8.97
C ALA B 245 23.84 -22.03 10.40
N SER B 246 22.59 -21.63 10.64
CA SER B 246 21.98 -21.72 11.97
C SER B 246 21.61 -23.17 12.36
N ARG B 247 21.57 -23.43 13.67
CA ARG B 247 21.14 -24.73 14.19
C ARG B 247 19.69 -25.03 13.74
N ASP B 248 18.80 -24.07 13.97
CA ASP B 248 17.37 -24.24 13.64
C ASP B 248 17.13 -24.68 12.21
N HIS B 249 17.89 -24.12 11.27
CA HIS B 249 17.68 -24.49 9.89
C HIS B 249 18.09 -25.93 9.60
N SER B 250 19.21 -26.38 10.15
CA SER B 250 19.63 -27.79 10.01
C SER B 250 18.61 -28.71 10.67
N ALA B 251 18.19 -28.34 11.88
CA ALA B 251 17.15 -29.06 12.61
C ALA B 251 15.88 -29.22 11.76
N ALA B 252 15.47 -28.15 11.10
CA ALA B 252 14.27 -28.20 10.26
C ALA B 252 14.42 -29.19 9.11
N VAL B 253 15.58 -29.19 8.48
CA VAL B 253 15.85 -30.01 7.30
C VAL B 253 16.00 -31.49 7.69
N GLU B 254 16.70 -31.75 8.77
CA GLU B 254 16.84 -33.12 9.28
C GLU B 254 15.46 -33.66 9.67
N ALA B 255 14.67 -32.84 10.38
CA ALA B 255 13.33 -33.25 10.80
C ALA B 255 12.38 -33.55 9.63
N PHE B 256 12.46 -32.77 8.55
CA PHE B 256 11.62 -32.98 7.37
C PHE B 256 11.97 -34.28 6.64
N LEU B 257 13.26 -34.60 6.61
CA LEU B 257 13.75 -35.81 5.95
C LEU B 257 13.32 -37.06 6.73
N ALA B 258 13.28 -36.94 8.05
CA ALA B 258 12.83 -38.03 8.93
C ALA B 258 11.34 -37.97 9.25
N LYS B 259 10.58 -37.17 8.50
CA LYS B 259 9.13 -37.07 8.68
C LYS B 259 8.81 -36.89 10.17
N ASP B 260 9.35 -35.81 10.73
CA ASP B 260 9.33 -35.58 12.17
C ASP B 260 9.17 -34.07 12.45
N LYS B 261 8.75 -33.73 13.66
CA LYS B 261 8.60 -32.34 14.07
C LYS B 261 9.93 -31.84 14.65
N PRO B 262 10.42 -30.68 14.18
CA PRO B 262 11.67 -30.12 14.68
C PRO B 262 11.49 -29.33 15.97
N VAL B 263 12.53 -29.30 16.80
CA VAL B 263 12.58 -28.42 17.97
C VAL B 263 13.51 -27.24 17.63
N PHE B 264 12.99 -26.01 17.78
CA PHE B 264 13.75 -24.79 17.47
C PHE B 264 14.20 -24.10 18.76
N VAL B 265 15.46 -23.64 18.79
CA VAL B 265 15.99 -22.93 19.97
C VAL B 265 16.27 -21.43 19.74
N GLY B 266 16.11 -20.96 18.50
CA GLY B 266 16.30 -19.55 18.18
C GLY B 266 17.71 -19.14 17.79
N ARG B 267 18.52 -20.10 17.32
CA ARG B 267 19.85 -19.77 16.78
C ARG B 267 20.32 -20.82 15.80
N ALA C 7 14.38 -27.87 -23.05
CA ALA C 7 14.66 -28.96 -22.06
C ALA C 7 13.88 -28.71 -20.74
N ALA C 8 14.55 -28.22 -19.70
CA ALA C 8 13.93 -27.99 -18.38
C ALA C 8 13.13 -26.68 -18.29
N VAL C 9 13.57 -25.67 -19.05
CA VAL C 9 12.79 -24.46 -19.25
C VAL C 9 12.63 -24.25 -20.77
N ALA C 10 11.40 -24.31 -21.26
CA ALA C 10 11.12 -24.14 -22.69
C ALA C 10 10.92 -22.67 -23.03
N TYR C 11 11.58 -22.22 -24.11
CA TYR C 11 11.53 -20.84 -24.57
C TYR C 11 11.18 -20.78 -26.06
N SER C 12 10.21 -19.94 -26.40
CA SER C 12 9.89 -19.66 -27.79
C SER C 12 9.24 -18.29 -27.93
N VAL C 13 9.32 -17.73 -29.15
CA VAL C 13 8.68 -16.45 -29.47
C VAL C 13 7.82 -16.66 -30.70
N ASN C 14 6.54 -16.34 -30.60
CA ASN C 14 5.62 -16.53 -31.71
C ASN C 14 5.60 -15.34 -32.68
N HIS C 15 4.79 -15.46 -33.73
CA HIS C 15 4.71 -14.45 -34.80
C HIS C 15 4.14 -13.13 -34.31
N ALA C 16 3.33 -13.18 -33.25
CA ALA C 16 2.74 -11.99 -32.64
C ALA C 16 3.68 -11.25 -31.67
N GLY C 17 4.85 -11.84 -31.39
CA GLY C 17 5.81 -11.25 -30.47
C GLY C 17 5.57 -11.59 -29.01
N VAL C 18 4.90 -12.71 -28.77
CA VAL C 18 4.71 -13.23 -27.42
C VAL C 18 5.86 -14.19 -27.15
N ALA C 19 6.68 -13.87 -26.16
CA ALA C 19 7.70 -14.82 -25.69
C ALA C 19 7.06 -15.69 -24.62
N ALA C 20 7.09 -17.00 -24.82
CA ALA C 20 6.53 -17.94 -23.86
C ALA C 20 7.66 -18.61 -23.11
N ILE C 21 7.57 -18.59 -21.78
CA ILE C 21 8.55 -19.23 -20.91
C ILE C 21 7.82 -20.28 -20.09
N VAL C 22 8.23 -21.54 -20.23
CA VAL C 22 7.51 -22.65 -19.60
C VAL C 22 8.45 -23.45 -18.71
N LEU C 23 8.15 -23.48 -17.41
CA LEU C 23 8.90 -24.30 -16.46
C LEU C 23 8.53 -25.75 -16.77
N ASP C 24 9.51 -26.53 -17.22
CA ASP C 24 9.21 -27.88 -17.73
C ASP C 24 9.97 -28.97 -16.97
N ARG C 25 9.65 -29.08 -15.69
CA ARG C 25 10.17 -30.15 -14.84
C ARG C 25 9.04 -30.62 -13.92
N PRO C 26 7.91 -31.06 -14.51
CA PRO C 26 6.69 -31.39 -13.76
C PRO C 26 6.84 -32.53 -12.75
N GLU C 27 7.77 -33.45 -13.00
CA GLU C 27 8.02 -34.61 -12.13
CA GLU C 27 7.95 -34.61 -12.11
C GLU C 27 8.47 -34.19 -10.73
N ALA C 28 9.09 -33.02 -10.63
CA ALA C 28 9.56 -32.47 -9.36
C ALA C 28 8.82 -31.22 -8.95
N SER C 29 7.59 -31.06 -9.45
CA SER C 29 6.79 -29.85 -9.27
C SER C 29 7.55 -28.57 -9.60
N ASN C 30 8.36 -28.65 -10.66
CA ASN C 30 9.19 -27.53 -11.13
C ASN C 30 10.13 -26.94 -10.07
N ALA C 31 10.61 -27.81 -9.18
CA ALA C 31 11.60 -27.43 -8.19
C ALA C 31 12.86 -26.92 -8.90
N LEU C 32 13.38 -25.81 -8.42
CA LEU C 32 14.50 -25.15 -9.07
C LEU C 32 15.85 -25.70 -8.64
N ASP C 33 16.43 -26.54 -9.50
CA ASP C 33 17.82 -26.98 -9.35
C ASP C 33 18.70 -26.14 -10.26
N ARG C 34 20.00 -26.39 -10.25
CA ARG C 34 20.96 -25.58 -11.02
C ARG C 34 20.62 -25.45 -12.51
N THR C 35 20.18 -26.55 -13.11
CA THR C 35 19.77 -26.57 -14.50
C THR C 35 18.54 -25.68 -14.74
N MET C 36 17.50 -25.84 -13.95
CA MET C 36 16.31 -24.98 -14.04
C MET C 36 16.68 -23.50 -13.90
N LYS C 37 17.47 -23.18 -12.89
CA LYS C 37 17.86 -21.78 -12.61
C LYS C 37 18.67 -21.15 -13.74
N THR C 38 19.68 -21.89 -14.24
CA THR C 38 20.52 -21.42 -15.34
C THR C 38 19.72 -21.21 -16.63
N GLU C 39 18.82 -22.14 -16.93
CA GLU C 39 17.99 -22.06 -18.13
C GLU C 39 16.90 -20.98 -18.00
N LEU C 40 16.32 -20.84 -16.81
CA LEU C 40 15.35 -19.77 -16.55
C LEU C 40 15.99 -18.38 -16.77
N LEU C 41 17.23 -18.22 -16.30
CA LEU C 41 17.98 -16.98 -16.50
C LEU C 41 18.16 -16.65 -17.98
N GLN C 42 18.60 -17.66 -18.74
CA GLN C 42 18.85 -17.52 -20.18
C GLN C 42 17.57 -17.11 -20.90
N ALA C 43 16.46 -17.77 -20.57
CA ALA C 43 15.17 -17.45 -21.16
C ALA C 43 14.73 -16.00 -20.85
N LEU C 44 14.87 -15.58 -19.60
CA LEU C 44 14.47 -14.23 -19.19
C LEU C 44 15.33 -13.15 -19.85
N LEU C 45 16.64 -13.41 -19.96
CA LEU C 45 17.55 -12.49 -20.63
C LEU C 45 17.26 -12.41 -22.13
N ALA C 46 16.93 -13.54 -22.74
CA ALA C 46 16.60 -13.58 -24.16
C ALA C 46 15.33 -12.78 -24.45
N ALA C 47 14.32 -12.96 -23.61
CA ALA C 47 13.07 -12.21 -23.75
C ALA C 47 13.29 -10.72 -23.55
N GLY C 48 14.14 -10.36 -22.59
CA GLY C 48 14.42 -8.98 -22.28
C GLY C 48 15.24 -8.26 -23.35
N GLY C 49 16.03 -9.02 -24.11
CA GLY C 49 16.95 -8.46 -25.09
C GLY C 49 16.47 -8.47 -26.53
N ASP C 50 15.31 -9.07 -26.78
CA ASP C 50 14.81 -9.27 -28.14
C ASP C 50 13.84 -8.13 -28.52
N PRO C 51 14.23 -7.27 -29.48
CA PRO C 51 13.36 -6.12 -29.85
C PRO C 51 11.97 -6.52 -30.36
N ALA C 52 11.82 -7.76 -30.84
CA ALA C 52 10.56 -8.23 -31.39
C ALA C 52 9.54 -8.65 -30.32
N VAL C 53 9.99 -8.88 -29.10
CA VAL C 53 9.09 -9.33 -28.03
C VAL C 53 8.22 -8.16 -27.57
N ARG C 54 6.89 -8.32 -27.68
CA ARG C 54 5.93 -7.29 -27.25
C ARG C 54 5.25 -7.64 -25.92
N ALA C 55 5.28 -8.91 -25.54
CA ALA C 55 4.78 -9.36 -24.24
C ALA C 55 5.36 -10.74 -23.89
N VAL C 56 5.36 -11.08 -22.61
CA VAL C 56 5.93 -12.34 -22.14
C VAL C 56 4.89 -13.10 -21.34
N VAL C 57 4.80 -14.41 -21.55
CA VAL C 57 3.93 -15.23 -20.70
C VAL C 57 4.73 -16.35 -20.02
N MET C 58 4.54 -16.45 -18.71
CA MET C 58 5.25 -17.40 -17.88
C MET C 58 4.22 -18.43 -17.41
N SER C 59 4.54 -19.70 -17.59
CA SER C 59 3.65 -20.80 -17.20
C SER C 59 4.47 -22.01 -16.77
N ALA C 60 3.79 -23.07 -16.35
CA ALA C 60 4.46 -24.22 -15.77
C ALA C 60 3.72 -25.50 -16.10
N ALA C 61 4.49 -26.54 -16.44
CA ALA C 61 3.92 -27.85 -16.74
C ALA C 61 3.58 -28.62 -15.47
N GLY C 62 2.59 -29.50 -15.57
CA GLY C 62 2.23 -30.40 -14.47
C GLY C 62 1.16 -29.81 -13.57
N LYS C 63 1.06 -30.35 -12.36
CA LYS C 63 0.01 -29.95 -11.43
C LYS C 63 0.35 -28.66 -10.66
N ASN C 64 1.63 -28.34 -10.53
CA ASN C 64 2.08 -27.27 -9.63
C ASN C 64 3.02 -26.30 -10.29
N PHE C 65 2.81 -25.01 -10.02
CA PHE C 65 3.59 -23.97 -10.68
C PHE C 65 5.08 -24.07 -10.37
N CYS C 66 5.44 -23.94 -9.08
CA CYS C 66 6.83 -24.02 -8.65
C CYS C 66 6.90 -24.11 -7.13
N VAL C 67 7.53 -25.18 -6.63
CA VAL C 67 7.69 -25.38 -5.16
C VAL C 67 8.96 -24.73 -4.60
N GLY C 68 9.64 -23.93 -5.41
CA GLY C 68 10.87 -23.26 -4.99
C GLY C 68 12.10 -24.14 -5.15
N GLN C 69 13.09 -23.89 -4.30
CA GLN C 69 14.41 -24.52 -4.35
C GLN C 69 14.35 -26.05 -4.32
N ASP C 70 15.13 -26.69 -5.18
CA ASP C 70 15.25 -28.15 -5.19
C ASP C 70 15.75 -28.66 -3.83
N LEU C 71 14.96 -29.53 -3.21
CA LEU C 71 15.29 -30.08 -1.89
C LEU C 71 16.62 -30.86 -1.88
N ALA C 72 16.72 -31.88 -2.72
CA ALA C 72 17.92 -32.73 -2.75
C ALA C 72 19.20 -31.90 -2.89
N GLU C 73 19.18 -30.96 -3.83
CA GLU C 73 20.35 -30.18 -4.16
C GLU C 73 20.77 -29.30 -2.98
N HIS C 74 19.77 -28.74 -2.30
CA HIS C 74 20.03 -27.93 -1.11
C HIS C 74 20.57 -28.77 0.05
N VAL C 75 20.03 -29.98 0.21
CA VAL C 75 20.56 -30.89 1.22
C VAL C 75 22.05 -31.19 0.97
N GLU C 76 22.44 -31.41 -0.29
CA GLU C 76 23.85 -31.66 -0.62
C GLU C 76 24.73 -30.49 -0.19
N ALA C 77 24.33 -29.28 -0.58
CA ALA C 77 25.08 -28.07 -0.23
C ALA C 77 25.20 -27.86 1.28
N LEU C 78 24.12 -28.17 1.99
CA LEU C 78 24.05 -27.96 3.43
C LEU C 78 24.98 -28.92 4.19
N ARG C 79 25.05 -30.17 3.72
CA ARG C 79 25.94 -31.16 4.32
C ARG C 79 27.38 -30.86 3.95
N ASP C 80 27.60 -30.49 2.70
CA ASP C 80 28.92 -30.17 2.21
C ASP C 80 29.57 -28.98 2.93
N ASP C 81 28.81 -27.90 3.15
CA ASP C 81 29.36 -26.64 3.68
C ASP C 81 28.25 -25.70 4.19
N PRO C 82 27.88 -25.85 5.48
CA PRO C 82 26.73 -25.11 6.03
C PRO C 82 26.84 -23.59 5.96
N ALA C 83 28.06 -23.08 6.07
CA ALA C 83 28.32 -21.64 6.06
C ALA C 83 28.07 -21.00 4.70
N HIS C 84 28.07 -21.81 3.64
CA HIS C 84 27.95 -21.32 2.29
C HIS C 84 26.83 -22.00 1.50
N ALA C 85 25.89 -22.63 2.21
CA ALA C 85 24.79 -23.36 1.56
C ALA C 85 23.84 -22.49 0.73
N MET C 86 23.88 -21.18 0.95
CA MET C 86 22.97 -20.27 0.25
C MET C 86 23.68 -19.36 -0.75
N ASP C 87 24.89 -19.73 -1.16
CA ASP C 87 25.58 -19.09 -2.29
C ASP C 87 24.67 -18.96 -3.51
N THR C 88 23.84 -19.97 -3.74
CA THR C 88 22.91 -19.96 -4.87
C THR C 88 21.97 -18.72 -4.95
N VAL C 89 21.68 -18.10 -3.81
CA VAL C 89 20.85 -16.89 -3.81
C VAL C 89 21.55 -15.79 -4.61
N ARG C 90 22.81 -15.52 -4.30
CA ARG C 90 23.60 -14.56 -5.09
C ARG C 90 23.86 -15.06 -6.50
N GLU C 91 24.22 -16.33 -6.62
CA GLU C 91 24.70 -16.85 -7.88
C GLU C 91 23.60 -17.06 -8.92
N HIS C 92 22.41 -17.46 -8.47
CA HIS C 92 21.33 -17.89 -9.37
C HIS C 92 20.03 -17.11 -9.21
N TYR C 93 19.49 -17.03 -8.00
CA TYR C 93 18.19 -16.37 -7.79
C TYR C 93 18.23 -14.86 -8.05
N ASN C 94 19.27 -14.19 -7.58
CA ASN C 94 19.34 -12.75 -7.77
C ASN C 94 19.43 -12.35 -9.26
N PRO C 95 20.34 -12.96 -10.02
CA PRO C 95 20.33 -12.63 -11.46
C PRO C 95 18.99 -12.94 -12.15
N VAL C 96 18.32 -14.02 -11.76
CA VAL C 96 16.97 -14.33 -12.28
C VAL C 96 15.98 -13.19 -12.00
N LEU C 97 15.95 -12.69 -10.76
CA LEU C 97 14.99 -11.63 -10.42
C LEU C 97 15.31 -10.28 -11.11
N GLU C 98 16.59 -9.99 -11.28
CA GLU C 98 17.03 -8.81 -12.02
C GLU C 98 16.64 -8.89 -13.49
N ALA C 99 16.81 -10.08 -14.07
CA ALA C 99 16.47 -10.31 -15.49
C ALA C 99 14.97 -10.17 -15.72
N LEU C 100 14.17 -10.73 -14.83
CA LEU C 100 12.72 -10.55 -14.89
C LEU C 100 12.36 -9.06 -14.75
N ASP C 101 12.95 -8.40 -13.76
CA ASP C 101 12.74 -6.98 -13.57
C ASP C 101 13.18 -6.14 -14.78
N ALA C 102 14.23 -6.56 -15.47
CA ALA C 102 14.73 -5.84 -16.64
C ALA C 102 13.84 -5.95 -17.88
N ILE C 103 12.95 -6.94 -17.93
CA ILE C 103 11.99 -7.03 -19.04
C ILE C 103 11.11 -5.79 -19.03
N LYS C 104 11.13 -5.05 -20.14
CA LYS C 104 10.49 -3.74 -20.22
C LYS C 104 9.02 -3.83 -20.59
N VAL C 105 8.66 -4.90 -21.28
CA VAL C 105 7.30 -5.10 -21.80
C VAL C 105 6.44 -5.83 -20.76
N PRO C 106 5.12 -5.94 -20.99
CA PRO C 106 4.26 -6.60 -20.00
C PRO C 106 4.55 -8.11 -19.83
N VAL C 107 4.55 -8.55 -18.57
CA VAL C 107 4.81 -9.95 -18.22
C VAL C 107 3.58 -10.51 -17.51
N VAL C 108 3.11 -11.64 -18.02
CA VAL C 108 1.91 -12.32 -17.52
C VAL C 108 2.32 -13.70 -17.04
N VAL C 109 1.74 -14.15 -15.94
CA VAL C 109 2.05 -15.47 -15.39
C VAL C 109 0.76 -16.26 -15.12
N ALA C 110 0.79 -17.55 -15.48
CA ALA C 110 -0.31 -18.47 -15.20
C ALA C 110 0.12 -19.31 -14.01
N ILE C 111 -0.65 -19.26 -12.92
CA ILE C 111 -0.28 -19.97 -11.70
C ILE C 111 -1.28 -21.09 -11.41
N ASN C 112 -0.76 -22.31 -11.45
CA ASN C 112 -1.50 -23.52 -11.16
C ASN C 112 -0.91 -24.19 -9.90
N GLY C 113 -1.79 -24.72 -9.04
CA GLY C 113 -1.36 -25.48 -7.87
C GLY C 113 -0.42 -24.73 -6.95
N ALA C 114 0.62 -25.42 -6.47
CA ALA C 114 1.52 -24.88 -5.45
C ALA C 114 2.41 -23.79 -6.04
N CYS C 115 2.41 -22.64 -5.39
CA CYS C 115 3.27 -21.51 -5.74
C CYS C 115 3.89 -20.97 -4.44
N VAL C 116 5.07 -21.51 -4.08
CA VAL C 116 5.68 -21.22 -2.80
C VAL C 116 7.19 -20.99 -2.90
N GLY C 117 7.74 -20.29 -1.93
CA GLY C 117 9.18 -20.03 -1.86
C GLY C 117 9.63 -19.12 -2.99
N ALA C 118 10.73 -19.49 -3.62
CA ALA C 118 11.20 -18.78 -4.82
C ALA C 118 10.19 -18.84 -5.95
N GLY C 119 9.37 -19.90 -5.96
CA GLY C 119 8.27 -20.01 -6.91
C GLY C 119 7.30 -18.84 -6.78
N LEU C 120 7.02 -18.44 -5.53
CA LEU C 120 6.17 -17.29 -5.29
C LEU C 120 6.89 -15.97 -5.65
N GLY C 121 8.18 -15.86 -5.32
CA GLY C 121 8.94 -14.67 -5.69
C GLY C 121 8.90 -14.42 -7.19
N LEU C 122 9.03 -15.52 -7.94
CA LEU C 122 9.05 -15.49 -9.39
C LEU C 122 7.70 -15.00 -9.93
N ALA C 123 6.62 -15.58 -9.40
CA ALA C 123 5.27 -15.20 -9.80
C ALA C 123 4.96 -13.73 -9.50
N LEU C 124 5.48 -13.22 -8.39
CA LEU C 124 5.19 -11.83 -7.97
C LEU C 124 6.00 -10.80 -8.77
N GLY C 125 7.03 -11.24 -9.48
CA GLY C 125 7.77 -10.36 -10.40
C GLY C 125 7.03 -10.08 -11.70
N ALA C 126 5.99 -10.86 -11.99
CA ALA C 126 5.16 -10.62 -13.17
C ALA C 126 4.23 -9.42 -12.96
N ASP C 127 3.74 -8.84 -14.05
CA ASP C 127 2.82 -7.68 -14.00
C ASP C 127 1.37 -8.12 -13.82
N ILE C 128 0.97 -9.19 -14.51
CA ILE C 128 -0.39 -9.71 -14.44
C ILE C 128 -0.34 -11.18 -14.03
N ARG C 129 -1.16 -11.54 -13.07
CA ARG C 129 -1.15 -12.87 -12.46
C ARG C 129 -2.53 -13.48 -12.60
N ILE C 130 -2.57 -14.65 -13.23
CA ILE C 130 -3.79 -15.40 -13.51
C ILE C 130 -3.68 -16.72 -12.75
N ALA C 131 -4.62 -16.96 -11.86
CA ALA C 131 -4.57 -18.12 -10.95
C ALA C 131 -5.66 -19.15 -11.26
N GLY C 132 -5.29 -20.42 -11.17
CA GLY C 132 -6.25 -21.52 -11.23
C GLY C 132 -6.96 -21.67 -9.90
N GLN C 133 -8.16 -22.25 -9.94
CA GLN C 133 -9.02 -22.41 -8.77
C GLN C 133 -8.33 -23.10 -7.60
N ARG C 134 -7.42 -24.03 -7.91
CA ARG C 134 -6.74 -24.81 -6.88
C ARG C 134 -5.32 -24.31 -6.58
N ALA C 135 -4.99 -23.07 -6.94
CA ALA C 135 -3.65 -22.54 -6.63
C ALA C 135 -3.48 -22.26 -5.13
N LYS C 136 -2.28 -22.52 -4.63
CA LYS C 136 -1.94 -22.29 -3.22
C LYS C 136 -0.65 -21.47 -3.17
N PHE C 137 -0.66 -20.40 -2.37
CA PHE C 137 0.46 -19.48 -2.25
C PHE C 137 0.99 -19.49 -0.83
N GLY C 138 2.31 -19.59 -0.69
CA GLY C 138 2.94 -19.60 0.63
C GLY C 138 4.40 -19.18 0.59
N THR C 139 4.84 -18.52 1.65
CA THR C 139 6.22 -18.04 1.73
C THR C 139 7.20 -19.20 1.94
N ALA C 140 6.81 -20.17 2.76
CA ALA C 140 7.58 -21.42 3.00
C ALA C 140 8.90 -21.26 3.77
N PHE C 141 9.57 -20.12 3.64
CA PHE C 141 10.96 -20.00 4.13
C PHE C 141 11.13 -20.21 5.64
N THR C 142 10.25 -19.61 6.46
CA THR C 142 10.40 -19.69 7.91
C THR C 142 10.04 -21.06 8.45
N GLY C 143 9.17 -21.77 7.73
CA GLY C 143 8.87 -23.18 8.01
C GLY C 143 10.09 -24.07 8.15
N ILE C 144 11.16 -23.75 7.42
CA ILE C 144 12.46 -24.46 7.55
C ILE C 144 13.60 -23.56 8.10
N GLY C 145 13.24 -22.49 8.80
CA GLY C 145 14.22 -21.65 9.51
C GLY C 145 15.01 -20.66 8.68
N LEU C 146 14.49 -20.33 7.48
CA LEU C 146 15.06 -19.28 6.64
C LEU C 146 14.15 -18.05 6.65
N ALA C 147 14.58 -16.97 5.99
CA ALA C 147 13.85 -15.71 6.02
C ALA C 147 13.12 -15.45 4.70
N ALA C 148 13.87 -15.08 3.67
CA ALA C 148 13.31 -14.70 2.37
C ALA C 148 14.41 -14.51 1.33
N ASP C 149 14.09 -14.88 0.10
CA ASP C 149 14.88 -14.49 -1.06
C ASP C 149 13.94 -14.32 -2.27
N SER C 150 14.53 -14.07 -3.44
CA SER C 150 13.78 -13.91 -4.69
C SER C 150 12.86 -12.70 -4.64
N ALA C 151 13.35 -11.67 -3.94
CA ALA C 151 12.68 -10.38 -3.78
C ALA C 151 11.36 -10.45 -3.00
N LEU C 152 11.05 -11.61 -2.44
CA LEU C 152 9.76 -11.82 -1.81
C LEU C 152 9.53 -10.91 -0.61
N SER C 153 10.62 -10.50 0.06
CA SER C 153 10.52 -9.60 1.22
C SER C 153 10.12 -8.18 0.84
N ALA C 154 10.13 -7.86 -0.46
CA ALA C 154 9.63 -6.59 -0.99
C ALA C 154 8.34 -6.78 -1.80
N SER C 155 8.34 -7.78 -2.68
CA SER C 155 7.24 -7.96 -3.62
C SER C 155 5.93 -8.32 -2.93
N LEU C 156 5.99 -9.17 -1.90
CA LEU C 156 4.79 -9.59 -1.20
C LEU C 156 4.10 -8.44 -0.46
N PRO C 157 4.82 -7.73 0.43
CA PRO C 157 4.17 -6.61 1.09
C PRO C 157 3.71 -5.49 0.13
N ARG C 158 4.44 -5.26 -0.95
CA ARG C 158 4.00 -4.28 -1.96
C ARG C 158 2.69 -4.66 -2.66
N LEU C 159 2.40 -5.97 -2.75
CA LEU C 159 1.19 -6.46 -3.39
C LEU C 159 0.00 -6.62 -2.42
N ILE C 160 0.23 -7.18 -1.23
CA ILE C 160 -0.86 -7.43 -0.28
C ILE C 160 -0.80 -6.60 1.01
N GLY C 161 0.20 -5.73 1.14
CA GLY C 161 0.34 -4.91 2.34
C GLY C 161 1.23 -5.58 3.37
N ALA C 162 1.87 -4.77 4.20
CA ALA C 162 2.84 -5.25 5.19
C ALA C 162 2.24 -6.23 6.21
N SER C 163 0.98 -6.00 6.59
CA SER C 163 0.35 -6.74 7.67
C SER C 163 0.08 -8.19 7.29
N ARG C 164 -0.56 -8.37 6.15
CA ARG C 164 -0.84 -9.69 5.62
C ARG C 164 0.42 -10.43 5.15
N ALA C 165 1.38 -9.71 4.57
CA ALA C 165 2.66 -10.30 4.23
C ALA C 165 3.39 -10.81 5.49
N THR C 166 3.33 -10.03 6.56
CA THR C 166 3.97 -10.39 7.82
C THR C 166 3.33 -11.63 8.42
N ALA C 167 2.01 -11.74 8.28
CA ALA C 167 1.29 -12.92 8.73
C ALA C 167 1.69 -14.15 7.92
N MET C 168 1.73 -14.04 6.60
CA MET C 168 2.19 -15.16 5.78
C MET C 168 3.59 -15.64 6.18
N PHE C 169 4.52 -14.71 6.36
CA PHE C 169 5.91 -15.06 6.68
C PHE C 169 6.08 -15.65 8.07
N LEU C 170 5.46 -15.04 9.07
CA LEU C 170 5.64 -15.44 10.48
C LEU C 170 4.80 -16.66 10.87
N LEU C 171 3.54 -16.68 10.45
CA LEU C 171 2.63 -17.78 10.79
C LEU C 171 2.71 -18.94 9.80
N GLY C 172 3.25 -18.70 8.60
CA GLY C 172 3.40 -19.75 7.61
C GLY C 172 2.10 -20.15 6.95
N ASP C 173 1.08 -19.30 7.07
CA ASP C 173 -0.22 -19.51 6.42
C ASP C 173 -0.11 -19.65 4.90
N THR C 174 -0.67 -20.71 4.37
CA THR C 174 -0.89 -20.84 2.93
C THR C 174 -2.24 -20.23 2.63
N ILE C 175 -2.35 -19.51 1.51
CA ILE C 175 -3.64 -18.94 1.11
C ILE C 175 -4.11 -19.50 -0.23
N ASP C 176 -5.44 -19.58 -0.39
CA ASP C 176 -6.04 -20.16 -1.59
C ASP C 176 -6.27 -19.09 -2.64
N ALA C 177 -6.78 -19.48 -3.80
CA ALA C 177 -6.94 -18.58 -4.92
C ALA C 177 -7.91 -17.43 -4.66
N PRO C 178 -9.14 -17.73 -4.20
CA PRO C 178 -10.07 -16.61 -3.97
C PRO C 178 -9.60 -15.63 -2.89
N THR C 179 -8.85 -16.12 -1.90
CA THR C 179 -8.26 -15.22 -0.91
C THR C 179 -7.18 -14.36 -1.56
N ALA C 180 -6.34 -14.98 -2.38
CA ALA C 180 -5.29 -14.25 -3.10
C ALA C 180 -5.88 -13.16 -3.99
N HIS C 181 -7.00 -13.50 -4.63
CA HIS C 181 -7.71 -12.57 -5.48
C HIS C 181 -8.20 -11.37 -4.69
N THR C 182 -8.89 -11.64 -3.58
CA THR C 182 -9.45 -10.59 -2.73
C THR C 182 -8.35 -9.73 -2.09
N TRP C 183 -7.23 -10.37 -1.78
CA TRP C 183 -6.09 -9.69 -1.16
C TRP C 183 -5.27 -8.89 -2.16
N GLY C 184 -5.43 -9.15 -3.46
CA GLY C 184 -4.71 -8.43 -4.52
C GLY C 184 -3.43 -9.08 -4.97
N LEU C 185 -3.24 -10.35 -4.58
CA LEU C 185 -2.05 -11.10 -4.96
C LEU C 185 -2.11 -11.54 -6.42
N VAL C 186 -3.31 -11.87 -6.90
CA VAL C 186 -3.54 -12.19 -8.30
C VAL C 186 -4.68 -11.34 -8.86
N HIS C 187 -4.72 -11.16 -10.17
CA HIS C 187 -5.74 -10.33 -10.82
C HIS C 187 -7.03 -11.09 -11.14
N GLU C 188 -6.93 -12.39 -11.43
CA GLU C 188 -8.10 -13.19 -11.78
C GLU C 188 -7.97 -14.64 -11.32
N VAL C 189 -9.09 -15.25 -11.04
CA VAL C 189 -9.15 -16.68 -10.72
C VAL C 189 -10.02 -17.34 -11.78
N VAL C 190 -9.48 -18.40 -12.38
CA VAL C 190 -10.23 -19.19 -13.36
C VAL C 190 -10.20 -20.68 -12.96
N ASP C 191 -10.90 -21.53 -13.72
CA ASP C 191 -10.86 -22.98 -13.48
C ASP C 191 -9.44 -23.52 -13.58
N GLU C 192 -9.13 -24.54 -12.77
CA GLU C 192 -7.83 -25.19 -12.84
C GLU C 192 -7.67 -25.83 -14.22
N GLY C 193 -6.45 -25.77 -14.78
CA GLY C 193 -6.21 -26.20 -16.15
C GLY C 193 -6.33 -25.08 -17.18
N SER C 194 -7.17 -24.08 -16.88
CA SER C 194 -7.34 -22.91 -17.75
C SER C 194 -6.34 -21.74 -17.57
N PRO C 195 -5.55 -21.69 -16.46
CA PRO C 195 -4.71 -20.50 -16.28
C PRO C 195 -3.85 -20.16 -17.48
N ALA C 196 -3.30 -21.19 -18.11
CA ALA C 196 -2.43 -21.03 -19.29
C ALA C 196 -3.19 -20.38 -20.44
N ASP C 197 -4.38 -20.89 -20.72
CA ASP C 197 -5.17 -20.42 -21.88
C ASP C 197 -5.56 -18.96 -21.70
N VAL C 198 -5.99 -18.61 -20.50
CA VAL C 198 -6.37 -17.23 -20.21
C VAL C 198 -5.14 -16.32 -20.20
N ALA C 199 -4.05 -16.79 -19.61
CA ALA C 199 -2.80 -16.04 -19.60
C ALA C 199 -2.32 -15.77 -21.03
N ASN C 200 -2.44 -16.77 -21.90
CA ASN C 200 -2.08 -16.65 -23.32
C ASN C 200 -2.94 -15.64 -24.08
N SER C 201 -4.25 -15.63 -23.85
CA SER C 201 -5.12 -14.61 -24.44
C SER C 201 -4.65 -13.22 -24.02
N VAL C 202 -4.42 -13.06 -22.72
CA VAL C 202 -4.05 -11.76 -22.16
C VAL C 202 -2.71 -11.27 -22.70
N ALA C 203 -1.73 -12.17 -22.76
CA ALA C 203 -0.45 -11.85 -23.36
C ALA C 203 -0.61 -11.45 -24.81
N GLY C 204 -1.43 -12.20 -25.55
CA GLY C 204 -1.72 -11.91 -26.95
C GLY C 204 -2.34 -10.54 -27.12
N ARG C 205 -3.29 -10.21 -26.26
CA ARG C 205 -3.92 -8.90 -26.28
C ARG C 205 -2.91 -7.80 -26.02
N LEU C 206 -2.08 -7.99 -24.99
CA LEU C 206 -1.06 -7.00 -24.62
C LEU C 206 0.03 -6.88 -25.68
N ALA C 207 0.36 -8.00 -26.33
CA ALA C 207 1.35 -7.99 -27.41
C ALA C 207 0.87 -7.20 -28.62
N GLY C 208 -0.44 -7.09 -28.79
CA GLY C 208 -1.01 -6.30 -29.90
C GLY C 208 -1.21 -4.83 -29.54
N GLY C 209 -0.92 -4.46 -28.30
CA GLY C 209 -1.09 -3.08 -27.85
C GLY C 209 0.10 -2.16 -28.10
N PRO C 210 0.01 -0.91 -27.60
CA PRO C 210 1.06 0.07 -27.82
C PRO C 210 2.30 -0.19 -26.96
N THR C 211 3.16 -1.08 -27.46
CA THR C 211 4.30 -1.59 -26.70
C THR C 211 5.24 -0.49 -26.16
N ALA C 212 5.51 0.54 -26.94
CA ALA C 212 6.36 1.62 -26.45
C ALA C 212 5.71 2.34 -25.26
N ALA C 213 4.39 2.55 -25.33
CA ALA C 213 3.64 3.18 -24.23
C ALA C 213 3.62 2.28 -22.99
N PHE C 214 3.42 0.99 -23.19
CA PHE C 214 3.45 0.02 -22.07
C PHE C 214 4.80 0.02 -21.34
N SER C 215 5.89 0.01 -22.10
CA SER C 215 7.25 0.11 -21.51
C SER C 215 7.48 1.42 -20.77
N GLU C 216 6.97 2.52 -21.31
CA GLU C 216 7.09 3.84 -20.64
C GLU C 216 6.32 3.88 -19.32
N VAL C 217 5.05 3.45 -19.35
CA VAL C 217 4.20 3.57 -18.16
C VAL C 217 4.65 2.62 -17.04
N LYS C 218 5.11 1.44 -17.41
CA LYS C 218 5.67 0.50 -16.45
C LYS C 218 6.89 1.11 -15.73
N GLU C 219 7.75 1.81 -16.47
CA GLU C 219 8.90 2.50 -15.88
C GLU C 219 8.46 3.69 -15.00
N LEU C 220 7.43 4.41 -15.44
CA LEU C 220 6.88 5.50 -14.63
C LEU C 220 6.33 4.99 -13.32
N LEU C 221 5.50 3.95 -13.37
CA LEU C 221 4.95 3.34 -12.15
C LEU C 221 6.05 2.92 -11.16
N ARG C 222 7.09 2.29 -11.68
CA ARG C 222 8.22 1.90 -10.82
C ARG C 222 9.00 3.07 -10.25
N ARG C 223 9.29 4.07 -11.06
CA ARG C 223 10.11 5.20 -10.62
C ARG C 223 9.35 6.17 -9.75
N ASN C 224 8.03 6.26 -9.93
CA ASN C 224 7.25 7.28 -9.25
C ASN C 224 6.54 6.83 -7.98
N ALA C 225 6.73 5.58 -7.59
CA ALA C 225 5.99 5.02 -6.46
C ALA C 225 6.10 5.88 -5.20
N VAL C 226 7.31 6.32 -4.86
CA VAL C 226 7.50 7.16 -3.67
C VAL C 226 8.22 8.49 -3.97
N ALA C 227 8.15 8.95 -5.22
CA ALA C 227 8.88 10.15 -5.61
C ALA C 227 8.13 11.44 -5.25
N PRO C 228 8.87 12.53 -5.00
CA PRO C 228 8.26 13.85 -4.82
C PRO C 228 7.45 14.22 -6.06
N LEU C 229 6.39 14.99 -5.87
CA LEU C 229 5.48 15.35 -6.94
C LEU C 229 6.20 15.97 -8.15
N GLY C 230 7.16 16.86 -7.91
CA GLY C 230 7.87 17.54 -8.99
C GLY C 230 8.61 16.58 -9.91
N ASP C 231 9.23 15.56 -9.33
CA ASP C 231 9.84 14.50 -10.12
C ASP C 231 8.81 13.66 -10.86
N VAL C 232 7.70 13.32 -10.22
CA VAL C 232 6.63 12.58 -10.86
C VAL C 232 6.19 13.32 -12.14
N LEU C 233 5.92 14.62 -12.01
CA LEU C 233 5.38 15.42 -13.10
C LEU C 233 6.37 15.65 -14.25
N GLU C 234 7.65 15.86 -13.91
CA GLU C 234 8.71 15.98 -14.92
C GLU C 234 8.86 14.70 -15.75
N ARG C 235 8.90 13.56 -15.07
CA ARG C 235 9.05 12.27 -15.74
C ARG C 235 7.86 11.96 -16.62
N GLU C 236 6.66 12.29 -16.12
CA GLU C 236 5.45 12.12 -16.92
C GLU C 236 5.49 12.97 -18.19
N ALA C 237 5.84 14.26 -18.04
CA ALA C 237 5.95 15.17 -19.20
C ALA C 237 6.89 14.64 -20.31
N SER C 238 8.07 14.16 -19.90
CA SER C 238 9.07 13.63 -20.82
C SER C 238 8.59 12.37 -21.52
N ALA C 239 7.96 11.47 -20.78
CA ALA C 239 7.44 10.23 -21.33
C ALA C 239 6.34 10.48 -22.35
N GLN C 240 5.41 11.38 -22.02
CA GLN C 240 4.35 11.75 -22.95
C GLN C 240 4.93 12.36 -24.22
N GLN C 241 5.93 13.24 -24.08
CA GLN C 241 6.53 13.90 -25.25
C GLN C 241 7.22 12.88 -26.16
N ARG C 242 7.96 11.93 -25.60
CA ARG C 242 8.55 10.84 -26.40
C ARG C 242 7.45 10.06 -27.17
N LEU C 243 6.36 9.70 -26.48
CA LEU C 243 5.29 8.93 -27.09
C LEU C 243 4.43 9.74 -28.06
N GLY C 244 4.30 11.04 -27.85
CA GLY C 244 3.57 11.91 -28.78
C GLY C 244 4.11 11.88 -30.19
N ALA C 245 5.39 11.52 -30.31
CA ALA C 245 6.06 11.36 -31.60
C ALA C 245 6.05 9.91 -32.12
N SER C 246 5.52 8.96 -31.35
CA SER C 246 5.48 7.56 -31.79
C SER C 246 4.47 7.39 -32.91
N ARG C 247 4.65 6.35 -33.74
CA ARG C 247 3.69 5.98 -34.79
C ARG C 247 2.35 5.50 -34.19
N ASP C 248 2.43 4.74 -33.11
CA ASP C 248 1.23 4.22 -32.46
C ASP C 248 0.28 5.33 -31.98
N HIS C 249 0.84 6.44 -31.50
CA HIS C 249 0.03 7.52 -31.00
C HIS C 249 -0.72 8.25 -32.10
N SER C 250 -0.04 8.49 -33.22
CA SER C 250 -0.69 9.07 -34.39
C SER C 250 -1.78 8.15 -34.90
N ALA C 251 -1.47 6.87 -35.05
CA ALA C 251 -2.48 5.88 -35.48
C ALA C 251 -3.70 5.87 -34.55
N ALA C 252 -3.47 5.97 -33.25
CA ALA C 252 -4.57 5.96 -32.29
C ALA C 252 -5.41 7.23 -32.36
N VAL C 253 -4.76 8.36 -32.63
CA VAL C 253 -5.49 9.62 -32.73
C VAL C 253 -6.42 9.58 -33.94
N GLU C 254 -5.94 9.12 -35.09
CA GLU C 254 -6.82 9.04 -36.27
C GLU C 254 -7.89 7.95 -36.13
N ALA C 255 -7.57 6.86 -35.44
CA ALA C 255 -8.59 5.87 -35.09
C ALA C 255 -9.69 6.47 -34.19
N PHE C 256 -9.29 7.22 -33.17
CA PHE C 256 -10.25 7.89 -32.25
C PHE C 256 -11.17 8.89 -32.97
N LEU C 257 -10.63 9.61 -33.95
CA LEU C 257 -11.43 10.55 -34.74
C LEU C 257 -12.55 9.83 -35.49
N ALA C 258 -12.30 8.59 -35.90
CA ALA C 258 -13.31 7.75 -36.54
C ALA C 258 -14.07 6.87 -35.54
N LYS C 259 -13.81 7.07 -34.24
CA LYS C 259 -14.35 6.21 -33.17
C LYS C 259 -13.99 4.73 -33.35
N ASP C 260 -12.81 4.44 -33.87
CA ASP C 260 -12.29 3.06 -33.96
C ASP C 260 -11.36 2.74 -32.81
N LYS C 261 -11.15 1.44 -32.57
CA LYS C 261 -10.04 0.98 -31.75
C LYS C 261 -8.85 0.94 -32.69
N PRO C 262 -7.70 1.47 -32.24
CA PRO C 262 -6.51 1.53 -33.10
C PRO C 262 -5.80 0.19 -33.30
N VAL C 263 -5.07 0.08 -34.41
CA VAL C 263 -4.13 -1.02 -34.63
C VAL C 263 -2.73 -0.52 -34.25
N PHE C 264 -2.08 -1.24 -33.33
CA PHE C 264 -0.79 -0.83 -32.78
C PHE C 264 0.34 -1.73 -33.28
N VAL C 265 1.50 -1.15 -33.58
CA VAL C 265 2.68 -1.95 -33.99
C VAL C 265 3.82 -1.94 -32.97
N GLY C 266 3.75 -1.05 -31.98
CA GLY C 266 4.73 -1.03 -30.89
C GLY C 266 5.88 -0.04 -31.03
N ARG C 267 5.67 1.01 -31.82
CA ARG C 267 6.65 2.09 -31.95
C ARG C 267 5.91 3.37 -32.38
#